data_5XM7
#
_entry.id   5XM7
#
_cell.length_a   74.462
_cell.length_b   109.103
_cell.length_c   112.372
_cell.angle_alpha   90.000
_cell.angle_beta   90.000
_cell.angle_gamma   90.000
#
_symmetry.space_group_name_H-M   'P 21 21 21'
#
loop_
_entity.id
_entity.type
_entity.pdbx_description
1 polymer 'M1 family aminopeptidase'
2 non-polymer 'ZINC ION'
3 non-polymer 'MAGNESIUM ION'
4 non-polymer GLYCEROL
5 non-polymer (2S)-4-methyl-N-[(1R)-2-(oxidanylamino)-2-oxidanylidene-1-phenyl-ethyl]-2-[(phenylmethyl)carbamoylamino]pentanamide
6 water water
#
_entity_poly.entity_id   1
_entity_poly.type   'polypeptide(L)'
_entity_poly.pdbx_seq_one_letter_code
;MGSSHHHHHHSSGLVPRGSHMASEPKIHYRKDYKPSGFIINNVTLNINIHDNETIVRSVLDMDISKHNVGEDLVFDGVGL
KINEISINNKKLVEGEEYTYDNEFLTIFSKFVPKSKFAFSSEVIIHPETNYALTGLYKSKNIIVSQCEATGFRRITFFID
RPDMMAKYDVTVTADKEKYPVLLSNGDKVNEFEIPGGRHGARFNDPHLKPCYLFAVVAGDLKHLSATYITKYTKKKVELY
VFSEEKYVSKLQWALECLKKSMAFDEDYFGLEYDLSRLNLVAVSDFNVGAMENKGLNIFNANSLLASKKNSIDFSYARIL
TVVGHEYFHNYTGNRVTLRDWFQLTLKEGLTVHRENLFSEEMTKTVTTRLSHVDLLRSVQFLEDSSPLSHPIRPESYVSM
ENFYTTTVYDKGSEVMRMYLTILGEEYYKKGFDIYIKKNDGNTATCEDFNYAMEQAYKMKKADNSANLNQYLLWFSQSGT
PHVSFKYNYDAEKKQYSIHVNQYTKPDENQKEKKPLFIPISVGLINPENGKEMISQTTLELTKESDTFVFNNIAVKPIPS
LFRGFSAPVYIEDNLTDEERILLLKYDSDAFVRYNSCTNIYMKQILMNYNEFLKAKNEKLESFNLTPVNAQFIDAIKYLL
EDPHADAGFKSYIVSLPQDRYIINFVSNLDTDVLADTKEYIYKQIGDKLNDVYYKMFKSLEAKADDLTYFNDESHVDFDQ
MNMRTLRNTLLSLLSKAQYPNILNEIIEHSKSPYPSNWLTSLSVSAYFDKYFELYDKTYKLSKDDELLLQEWLKTVSRSD
RKDIYEILKKLENEVLKDSKNPNDIRAVYLPFTNNLRRFHDISGKGYKLIAEVITKTDKFNPMVATQLCEPFKLWNKLDT
KRQELMLNEMNTMLQEPNISNNLKEYLLRLTNKL
;
_entity_poly.pdbx_strand_id   A
#
loop_
_chem_comp.id
_chem_comp.type
_chem_comp.name
_chem_comp.formula
89X non-polymer (2S)-4-methyl-N-[(1R)-2-(oxidanylamino)-2-oxidanylidene-1-phenyl-ethyl]-2-[(phenylmethyl)carbamoylamino]pentanamide 'C22 H28 N4 O4'
GOL non-polymer GLYCEROL 'C3 H8 O3'
MG non-polymer 'MAGNESIUM ION' 'Mg 2'
ZN non-polymer 'ZINC ION' 'Zn 2'
#
# COMPACT_ATOMS: atom_id res chain seq x y z
N PRO A 25 -13.31 -21.39 -14.19
CA PRO A 25 -12.51 -21.16 -12.96
C PRO A 25 -13.34 -21.29 -11.65
N LYS A 26 -12.75 -21.84 -10.59
CA LYS A 26 -13.45 -22.10 -9.31
C LYS A 26 -13.69 -20.80 -8.44
N ILE A 27 -14.94 -20.36 -8.34
CA ILE A 27 -15.29 -19.06 -7.71
C ILE A 27 -15.94 -19.17 -6.32
N HIS A 28 -15.36 -18.48 -5.33
CA HIS A 28 -15.91 -18.35 -3.96
C HIS A 28 -16.75 -17.09 -3.80
N TYR A 29 -17.95 -17.21 -3.19
CA TYR A 29 -18.95 -16.11 -3.10
C TYR A 29 -19.14 -15.75 -1.65
N ARG A 30 -19.25 -14.45 -1.35
CA ARG A 30 -19.35 -13.96 0.01
C ARG A 30 -20.61 -14.48 0.66
N LYS A 31 -21.69 -14.50 -0.09
CA LYS A 31 -22.98 -14.92 0.46
C LYS A 31 -23.00 -16.43 0.87
N ASP A 32 -22.06 -17.22 0.39
CA ASP A 32 -22.02 -18.64 0.66
C ASP A 32 -21.28 -18.99 1.95
N TYR A 33 -20.84 -17.99 2.76
CA TYR A 33 -20.03 -18.24 3.98
C TYR A 33 -20.83 -19.17 4.92
N LYS A 34 -20.20 -20.25 5.38
CA LYS A 34 -20.77 -21.17 6.40
C LYS A 34 -19.69 -21.55 7.39
N PRO A 35 -20.00 -21.61 8.69
CA PRO A 35 -18.98 -22.13 9.61
C PRO A 35 -18.64 -23.60 9.31
N SER A 36 -17.42 -24.01 9.66
CA SER A 36 -16.97 -25.40 9.39
C SER A 36 -17.72 -26.41 10.28
N GLY A 37 -17.81 -27.64 9.78
CA GLY A 37 -18.21 -28.74 10.60
C GLY A 37 -17.20 -29.31 11.57
N PHE A 38 -16.02 -28.68 11.63
CA PHE A 38 -14.90 -29.12 12.39
C PHE A 38 -14.35 -27.97 13.21
N ILE A 39 -13.58 -28.34 14.23
CA ILE A 39 -12.83 -27.40 15.05
C ILE A 39 -11.41 -27.91 15.19
N ILE A 40 -10.43 -27.03 15.06
CA ILE A 40 -9.06 -27.38 15.35
C ILE A 40 -8.68 -26.55 16.62
N ASN A 41 -8.43 -27.24 17.72
CA ASN A 41 -8.15 -26.57 19.04
C ASN A 41 -6.71 -26.30 19.25
N ASN A 42 -5.85 -27.25 18.90
CA ASN A 42 -4.40 -27.12 19.14
C ASN A 42 -3.64 -27.68 17.95
N VAL A 43 -2.51 -27.04 17.64
CA VAL A 43 -1.63 -27.43 16.60
C VAL A 43 -0.28 -27.68 17.26
N THR A 44 0.31 -28.85 17.04
CA THR A 44 1.61 -29.16 17.60
C THR A 44 2.53 -29.56 16.41
N LEU A 45 3.52 -28.72 16.10
CA LEU A 45 4.39 -28.87 14.93
C LEU A 45 5.81 -29.20 15.32
N ASN A 46 6.44 -30.07 14.52
CA ASN A 46 7.88 -30.25 14.49
C ASN A 46 8.35 -30.00 13.03
N ILE A 47 9.19 -28.98 12.85
CA ILE A 47 9.67 -28.59 11.57
C ILE A 47 11.19 -28.83 11.61
N ASN A 48 11.61 -29.83 10.84
CA ASN A 48 12.97 -30.35 10.85
C ASN A 48 13.59 -30.00 9.53
N ILE A 49 14.46 -28.98 9.59
CA ILE A 49 15.04 -28.39 8.37
C ILE A 49 16.33 -29.16 8.05
N HIS A 50 16.39 -29.73 6.85
CA HIS A 50 17.66 -30.29 6.34
C HIS A 50 18.09 -29.55 5.06
N ASP A 51 19.29 -29.83 4.54
CA ASP A 51 19.75 -29.15 3.30
C ASP A 51 18.82 -29.33 2.12
N ASN A 52 18.41 -30.58 1.88
CA ASN A 52 17.59 -30.87 0.71
C ASN A 52 16.14 -31.24 0.98
N GLU A 53 15.69 -31.05 2.19
CA GLU A 53 14.30 -31.32 2.51
C GLU A 53 13.99 -30.75 3.89
N THR A 54 12.71 -30.40 4.06
CA THR A 54 12.19 -30.09 5.39
C THR A 54 11.05 -30.99 5.68
N ILE A 55 11.06 -31.60 6.87
CA ILE A 55 10.02 -32.54 7.28
C ILE A 55 9.17 -31.88 8.29
N VAL A 56 7.86 -31.87 8.04
CA VAL A 56 6.93 -31.24 8.96
C VAL A 56 6.01 -32.31 9.54
N ARG A 57 6.11 -32.51 10.84
CA ARG A 57 5.22 -33.40 11.56
C ARG A 57 4.25 -32.53 12.33
N SER A 58 2.97 -32.83 12.17
CA SER A 58 1.88 -32.00 12.71
C SER A 58 0.77 -32.86 13.36
N VAL A 59 0.52 -32.61 14.62
CA VAL A 59 -0.68 -33.11 15.30
C VAL A 59 -1.75 -32.01 15.46
N LEU A 60 -2.93 -32.24 14.91
CA LEU A 60 -4.06 -31.34 15.08
C LEU A 60 -5.05 -31.98 16.10
N ASP A 61 -5.23 -31.36 17.27
CA ASP A 61 -6.24 -31.82 18.24
C ASP A 61 -7.55 -31.20 17.80
N MET A 62 -8.46 -32.05 17.29
CA MET A 62 -9.66 -31.59 16.61
C MET A 62 -10.92 -32.01 17.30
N ASP A 63 -12.03 -31.46 16.82
CA ASP A 63 -13.36 -31.81 17.32
C ASP A 63 -14.39 -31.56 16.20
N ILE A 64 -15.59 -32.01 16.49
CA ILE A 64 -16.73 -31.91 15.61
C ILE A 64 -17.54 -30.74 16.11
N SER A 65 -17.88 -29.82 15.21
CA SER A 65 -18.64 -28.63 15.60
C SER A 65 -20.15 -28.90 15.61
N LYS A 66 -20.88 -27.97 16.21
CA LYS A 66 -22.36 -28.01 16.14
C LYS A 66 -22.91 -27.93 14.73
N HIS A 67 -22.15 -27.51 13.71
CA HIS A 67 -22.60 -27.44 12.35
C HIS A 67 -22.37 -28.69 11.57
N ASN A 68 -21.71 -29.66 12.19
CA ASN A 68 -21.34 -30.93 11.49
C ASN A 68 -22.58 -31.73 11.11
N VAL A 69 -22.58 -32.24 9.89
CA VAL A 69 -23.64 -33.10 9.32
C VAL A 69 -23.03 -34.43 8.79
N GLY A 70 -21.91 -34.90 9.37
CA GLY A 70 -21.29 -36.16 8.97
C GLY A 70 -20.59 -36.12 7.65
N GLU A 71 -20.20 -34.92 7.19
CA GLU A 71 -19.43 -34.74 5.96
C GLU A 71 -17.98 -35.32 6.00
N ASP A 72 -17.45 -35.57 4.81
CA ASP A 72 -16.00 -35.81 4.69
C ASP A 72 -15.16 -34.73 5.40
N LEU A 73 -14.00 -35.11 5.93
CA LEU A 73 -13.03 -34.17 6.48
C LEU A 73 -12.04 -33.79 5.39
N VAL A 74 -12.11 -32.51 4.97
CA VAL A 74 -11.29 -32.06 3.84
C VAL A 74 -10.33 -31.02 4.32
N PHE A 75 -9.05 -31.33 4.12
CA PHE A 75 -7.95 -30.41 4.42
C PHE A 75 -7.40 -29.77 3.16
N ASP A 76 -7.05 -28.48 3.25
CA ASP A 76 -6.12 -27.87 2.30
C ASP A 76 -4.71 -28.40 2.50
N GLY A 77 -4.04 -28.71 1.40
CA GLY A 77 -2.63 -29.16 1.45
C GLY A 77 -2.06 -29.14 0.03
N VAL A 78 -1.19 -28.16 -0.25
CA VAL A 78 -0.73 -27.91 -1.62
C VAL A 78 0.74 -28.28 -1.79
N GLY A 79 0.99 -29.20 -2.71
CA GLY A 79 2.34 -29.62 -3.06
C GLY A 79 3.05 -30.37 -1.95
N LEU A 80 2.29 -31.00 -1.05
CA LEU A 80 2.91 -31.70 0.05
C LEU A 80 3.17 -33.16 -0.39
N LYS A 81 4.30 -33.67 0.04
CA LYS A 81 4.63 -35.10 -0.10
C LYS A 81 4.31 -35.80 1.23
N ILE A 82 3.39 -36.77 1.18
CA ILE A 82 2.90 -37.38 2.39
C ILE A 82 3.85 -38.52 2.75
N ASN A 83 4.36 -38.49 3.98
CA ASN A 83 4.99 -39.66 4.58
C ASN A 83 4.02 -40.51 5.34
N GLU A 84 3.11 -39.88 6.10
CA GLU A 84 2.13 -40.62 6.89
C GLU A 84 0.95 -39.79 7.33
N ILE A 85 -0.19 -40.45 7.40
CA ILE A 85 -1.43 -39.89 7.87
C ILE A 85 -1.98 -40.85 8.92
N SER A 86 -2.40 -40.34 10.08
CA SER A 86 -3.21 -41.13 11.02
C SER A 86 -4.27 -40.31 11.72
N ILE A 87 -5.31 -41.01 12.21
CA ILE A 87 -6.26 -40.46 13.16
C ILE A 87 -6.29 -41.36 14.38
N ASN A 88 -6.12 -40.77 15.57
CA ASN A 88 -6.03 -41.50 16.84
C ASN A 88 -5.07 -42.67 16.76
N ASN A 89 -3.93 -42.42 16.13
CA ASN A 89 -2.89 -43.42 15.91
C ASN A 89 -3.28 -44.59 15.02
N LYS A 90 -4.37 -44.50 14.30
CA LYS A 90 -4.71 -45.51 13.28
C LYS A 90 -4.16 -44.97 11.93
N LYS A 91 -3.23 -45.67 11.31
CA LYS A 91 -2.70 -45.24 10.00
C LYS A 91 -3.84 -45.29 8.96
N LEU A 92 -3.90 -44.27 8.11
CA LEU A 92 -4.87 -44.15 7.05
C LEU A 92 -4.13 -44.29 5.72
N VAL A 93 -4.78 -44.88 4.72
CA VAL A 93 -4.11 -45.29 3.50
C VAL A 93 -4.82 -44.67 2.29
N GLU A 94 -4.01 -44.24 1.33
CA GLU A 94 -4.44 -43.57 0.16
C GLU A 94 -5.32 -44.51 -0.59
N GLY A 95 -6.49 -44.05 -1.02
CA GLY A 95 -7.38 -44.91 -1.81
C GLY A 95 -8.28 -45.75 -0.94
N GLU A 96 -8.00 -45.90 0.34
CA GLU A 96 -8.88 -46.62 1.18
C GLU A 96 -9.61 -45.75 2.17
N GLU A 97 -8.87 -44.97 2.93
CA GLU A 97 -9.48 -44.06 3.88
C GLU A 97 -9.32 -42.56 3.50
N TYR A 98 -8.44 -42.25 2.54
CA TYR A 98 -8.27 -40.90 2.08
C TYR A 98 -7.89 -40.82 0.62
N THR A 99 -8.03 -39.62 0.05
CA THR A 99 -7.47 -39.32 -1.29
C THR A 99 -6.78 -38.00 -1.17
N TYR A 100 -5.73 -37.82 -1.97
CA TYR A 100 -4.97 -36.58 -1.98
C TYR A 100 -4.63 -36.27 -3.43
N ASP A 101 -4.91 -35.04 -3.86
CA ASP A 101 -4.76 -34.63 -5.28
C ASP A 101 -3.77 -33.51 -5.47
N ASN A 102 -2.90 -33.31 -4.49
CA ASN A 102 -2.00 -32.17 -4.47
C ASN A 102 -2.53 -30.80 -4.10
N GLU A 103 -3.83 -30.75 -3.85
CA GLU A 103 -4.52 -29.61 -3.38
C GLU A 103 -5.36 -29.83 -2.10
N PHE A 104 -6.12 -30.92 -2.07
CA PHE A 104 -7.04 -31.25 -1.00
C PHE A 104 -6.81 -32.69 -0.57
N LEU A 105 -6.73 -32.86 0.74
CA LEU A 105 -6.73 -34.19 1.38
C LEU A 105 -8.13 -34.45 1.93
N THR A 106 -8.78 -35.49 1.39
CA THR A 106 -10.15 -35.85 1.78
C THR A 106 -10.08 -37.12 2.61
N ILE A 107 -10.50 -37.02 3.85
CA ILE A 107 -10.66 -38.22 4.71
C ILE A 107 -12.14 -38.54 4.62
N PHE A 108 -12.46 -39.76 4.15
CA PHE A 108 -13.84 -40.20 4.04
C PHE A 108 -14.52 -40.29 5.39
N SER A 109 -15.79 -39.86 5.44
CA SER A 109 -16.51 -39.62 6.68
C SER A 109 -16.61 -40.81 7.63
N LYS A 110 -16.66 -42.01 7.08
CA LYS A 110 -16.55 -43.21 7.87
C LYS A 110 -15.40 -43.30 8.80
N PHE A 111 -14.27 -42.68 8.45
CA PHE A 111 -13.11 -42.69 9.29
C PHE A 111 -12.87 -41.42 10.07
N VAL A 112 -13.85 -40.53 10.08
CA VAL A 112 -13.77 -39.26 10.82
C VAL A 112 -14.46 -39.46 12.13
N PRO A 113 -13.75 -39.36 13.24
CA PRO A 113 -14.44 -39.65 14.50
C PRO A 113 -15.61 -38.71 14.78
N LYS A 114 -16.52 -39.12 15.67
CA LYS A 114 -17.66 -38.25 16.04
C LYS A 114 -17.42 -37.44 17.33
N SER A 115 -16.25 -37.52 17.90
CA SER A 115 -15.92 -36.60 19.01
C SER A 115 -14.42 -36.30 18.93
N LYS A 116 -13.87 -35.69 19.97
CA LYS A 116 -12.50 -35.22 19.99
C LYS A 116 -11.59 -36.23 19.38
N PHE A 117 -10.67 -35.80 18.52
CA PHE A 117 -9.66 -36.70 17.93
C PHE A 117 -8.38 -35.98 17.56
N ALA A 118 -7.30 -36.75 17.49
CA ALA A 118 -5.97 -36.30 17.07
C ALA A 118 -5.71 -36.74 15.62
N PHE A 119 -5.43 -35.76 14.77
CA PHE A 119 -5.03 -36.01 13.39
C PHE A 119 -3.56 -35.72 13.29
N SER A 120 -2.84 -36.70 12.78
CA SER A 120 -1.38 -36.66 12.65
C SER A 120 -1.05 -36.75 11.16
N SER A 121 -0.17 -35.86 10.68
CA SER A 121 0.49 -36.03 9.36
C SER A 121 1.95 -35.69 9.43
N GLU A 122 2.70 -36.31 8.54
CA GLU A 122 4.09 -35.95 8.29
C GLU A 122 4.25 -35.80 6.84
N VAL A 123 4.78 -34.64 6.47
CA VAL A 123 4.97 -34.34 5.04
C VAL A 123 6.38 -33.81 4.85
N ILE A 124 6.82 -33.87 3.60
CA ILE A 124 8.08 -33.30 3.15
C ILE A 124 7.80 -32.09 2.21
N ILE A 125 8.54 -31.03 2.44
CA ILE A 125 8.49 -29.80 1.63
C ILE A 125 9.93 -29.35 1.40
N HIS A 126 10.09 -28.33 0.58
CA HIS A 126 11.41 -27.99 0.02
C HIS A 126 11.56 -26.46 -0.07
N PRO A 127 11.84 -25.81 1.07
CA PRO A 127 12.02 -24.37 1.03
C PRO A 127 13.07 -23.86 0.05
N GLU A 128 14.13 -24.64 -0.09
CA GLU A 128 15.26 -24.33 -0.94
C GLU A 128 14.91 -24.22 -2.43
N THR A 129 13.77 -24.76 -2.87
CA THR A 129 13.31 -24.53 -4.25
C THR A 129 12.00 -23.77 -4.36
N ASN A 130 11.56 -23.18 -3.27
CA ASN A 130 10.27 -22.48 -3.28
C ASN A 130 10.51 -21.02 -3.69
N TYR A 131 10.40 -20.75 -4.97
CA TYR A 131 10.71 -19.39 -5.51
C TYR A 131 9.48 -18.47 -5.54
N ALA A 132 8.35 -19.01 -5.12
CA ALA A 132 7.10 -18.27 -5.09
C ALA A 132 6.93 -17.49 -3.78
N LEU A 133 7.80 -17.74 -2.81
CA LEU A 133 7.87 -16.97 -1.54
C LEU A 133 6.53 -16.96 -0.76
N THR A 134 5.83 -18.10 -0.86
CA THR A 134 4.63 -18.38 -0.10
CA THR A 134 4.58 -18.39 -0.15
C THR A 134 4.73 -19.78 0.51
N GLY A 135 4.31 -19.88 1.77
CA GLY A 135 4.67 -21.05 2.58
C GLY A 135 6.06 -20.89 3.22
N LEU A 136 6.82 -22.00 3.23
CA LEU A 136 8.17 -22.04 3.77
C LEU A 136 9.22 -21.94 2.66
N TYR A 137 10.07 -20.91 2.73
CA TYR A 137 11.07 -20.70 1.68
C TYR A 137 12.39 -20.27 2.20
N LYS A 138 13.37 -20.30 1.32
CA LYS A 138 14.74 -19.87 1.61
C LYS A 138 15.02 -18.52 0.93
N SER A 139 15.35 -17.49 1.73
CA SER A 139 15.71 -16.16 1.23
C SER A 139 17.15 -15.97 1.56
N LYS A 140 17.98 -16.11 0.54
CA LYS A 140 19.45 -16.12 0.71
C LYS A 140 19.84 -17.25 1.67
N ASN A 141 20.34 -16.96 2.86
CA ASN A 141 20.60 -18.06 3.79
C ASN A 141 19.66 -18.12 5.00
N ILE A 142 18.47 -17.53 4.86
CA ILE A 142 17.46 -17.57 5.89
C ILE A 142 16.27 -18.38 5.43
N ILE A 143 15.79 -19.26 6.31
CA ILE A 143 14.57 -20.03 6.08
C ILE A 143 13.45 -19.22 6.71
N VAL A 144 12.42 -18.92 5.95
CA VAL A 144 11.34 -18.04 6.38
C VAL A 144 9.98 -18.47 5.83
N SER A 145 8.91 -18.13 6.54
CA SER A 145 7.54 -18.43 6.06
C SER A 145 6.80 -17.19 5.65
N GLN A 146 5.86 -17.34 4.72
CA GLN A 146 4.77 -16.40 4.53
C GLN A 146 3.47 -17.17 4.29
N CYS A 147 2.53 -17.05 5.24
CA CYS A 147 1.29 -17.81 5.24
C CYS A 147 0.03 -17.06 4.81
N GLU A 148 -0.03 -15.73 4.99
CA GLU A 148 -1.19 -14.97 4.51
C GLU A 148 -1.13 -14.85 2.98
N ALA A 149 -2.21 -15.07 2.23
CA ALA A 149 -3.46 -15.58 2.75
C ALA A 149 -3.59 -17.16 2.86
N THR A 150 -3.07 -17.85 1.86
CA THR A 150 -3.26 -19.30 1.70
C THR A 150 -1.91 -20.06 1.61
N GLY A 151 -0.93 -19.56 2.34
CA GLY A 151 0.36 -20.14 2.43
C GLY A 151 0.54 -21.25 3.46
N PHE A 152 -0.27 -21.33 4.53
CA PHE A 152 -0.03 -22.37 5.54
C PHE A 152 -0.24 -23.77 4.96
N ARG A 153 -1.20 -23.89 4.03
CA ARG A 153 -1.47 -25.19 3.40
C ARG A 153 -0.30 -25.74 2.56
N ARG A 154 0.61 -24.82 2.14
CA ARG A 154 1.90 -25.22 1.59
C ARG A 154 2.96 -25.73 2.59
N ILE A 155 2.72 -25.61 3.90
CA ILE A 155 3.64 -26.09 4.92
C ILE A 155 3.10 -27.44 5.51
N THR A 156 1.79 -27.53 5.76
CA THR A 156 1.16 -28.74 6.28
C THR A 156 -0.36 -28.70 5.99
N PHE A 157 -1.11 -29.78 6.27
CA PHE A 157 -2.54 -29.82 6.06
C PHE A 157 -3.24 -29.00 7.10
N PHE A 158 -4.27 -28.31 6.68
CA PHE A 158 -5.06 -27.52 7.62
C PHE A 158 -6.37 -27.19 6.94
N ILE A 159 -7.34 -26.80 7.75
CA ILE A 159 -8.54 -26.15 7.22
C ILE A 159 -8.23 -24.66 7.13
N ASP A 160 -7.73 -24.28 5.96
CA ASP A 160 -6.87 -23.12 5.82
C ASP A 160 -7.73 -21.92 5.52
N ARG A 161 -8.33 -21.41 6.58
CA ARG A 161 -9.23 -20.27 6.54
C ARG A 161 -9.31 -19.60 7.92
N PRO A 162 -9.60 -18.31 7.93
CA PRO A 162 -9.28 -17.54 9.13
C PRO A 162 -10.21 -17.73 10.32
N ASP A 163 -11.38 -18.35 10.14
CA ASP A 163 -12.23 -18.67 11.32
C ASP A 163 -11.78 -19.93 12.07
N MET A 164 -10.79 -20.66 11.56
CA MET A 164 -10.29 -21.88 12.21
C MET A 164 -9.19 -21.49 13.16
N MET A 165 -9.58 -20.98 14.29
CA MET A 165 -8.62 -20.53 15.25
C MET A 165 -8.18 -21.62 16.23
N ALA A 166 -6.90 -21.57 16.59
CA ALA A 166 -6.20 -22.63 17.34
C ALA A 166 -4.99 -22.09 18.11
N LYS A 167 -4.45 -22.90 19.00
CA LYS A 167 -3.25 -22.57 19.72
C LYS A 167 -2.12 -23.47 19.27
N TYR A 168 -0.90 -22.88 19.20
CA TYR A 168 0.24 -23.46 18.47
C TYR A 168 1.40 -23.75 19.44
N ASP A 169 1.96 -24.95 19.30
CA ASP A 169 3.17 -25.42 20.00
C ASP A 169 4.08 -25.88 18.87
N VAL A 170 5.22 -25.18 18.71
CA VAL A 170 6.01 -25.24 17.52
C VAL A 170 7.48 -25.53 17.85
N THR A 171 7.98 -26.68 17.41
CA THR A 171 9.37 -27.04 17.60
C THR A 171 10.06 -26.92 16.23
N VAL A 172 11.20 -26.25 16.18
CA VAL A 172 12.02 -26.12 14.94
C VAL A 172 13.39 -26.69 15.24
N THR A 173 13.89 -27.52 14.31
CA THR A 173 15.18 -28.13 14.43
C THR A 173 15.97 -27.89 13.13
N ALA A 174 17.30 -27.76 13.30
CA ALA A 174 18.17 -27.47 12.16
C ALA A 174 19.63 -27.62 12.54
N ASP A 175 20.49 -27.51 11.53
CA ASP A 175 21.97 -27.47 11.71
C ASP A 175 22.30 -26.21 12.49
N LYS A 176 23.06 -26.35 13.57
CA LYS A 176 23.32 -25.25 14.43
C LYS A 176 24.27 -24.21 13.81
N GLU A 177 25.28 -24.64 13.08
CA GLU A 177 26.21 -23.73 12.43
C GLU A 177 25.50 -22.84 11.37
N LYS A 178 24.72 -23.44 10.46
CA LYS A 178 23.94 -22.70 9.49
C LYS A 178 22.83 -21.87 10.07
N TYR A 179 22.13 -22.40 11.08
CA TYR A 179 20.86 -21.84 11.54
C TYR A 179 20.87 -21.67 13.07
N PRO A 180 21.80 -20.86 13.60
CA PRO A 180 21.81 -20.72 15.05
C PRO A 180 20.64 -20.02 15.71
N VAL A 181 19.91 -19.18 14.96
CA VAL A 181 18.73 -18.49 15.54
C VAL A 181 17.48 -19.16 14.94
N LEU A 182 16.63 -19.69 15.82
CA LEU A 182 15.35 -20.29 15.49
C LEU A 182 14.29 -19.49 16.13
N LEU A 183 13.26 -19.15 15.37
CA LEU A 183 12.15 -18.35 15.94
C LEU A 183 10.78 -18.86 15.46
N SER A 184 9.82 -18.88 16.36
CA SER A 184 8.41 -19.10 15.95
C SER A 184 7.58 -18.22 16.81
N ASN A 185 6.28 -18.23 16.65
CA ASN A 185 5.47 -17.29 17.42
C ASN A 185 5.45 -17.58 18.94
N GLY A 186 5.52 -16.55 19.74
CA GLY A 186 5.24 -16.65 21.15
C GLY A 186 6.47 -16.95 22.01
N ASP A 187 6.23 -17.40 23.24
CA ASP A 187 7.27 -17.74 24.23
C ASP A 187 8.19 -18.86 23.81
N LYS A 188 9.49 -18.61 23.86
CA LYS A 188 10.47 -19.68 23.69
C LYS A 188 10.51 -20.49 25.00
N VAL A 189 10.11 -21.73 24.98
CA VAL A 189 9.97 -22.50 26.25
C VAL A 189 11.07 -23.53 26.43
N ASN A 190 11.80 -23.84 25.38
CA ASN A 190 12.96 -24.75 25.53
C ASN A 190 13.92 -24.59 24.34
N GLU A 191 15.18 -24.93 24.58
CA GLU A 191 16.26 -24.99 23.60
C GLU A 191 17.10 -26.21 23.93
N PHE A 192 17.57 -26.95 22.93
CA PHE A 192 18.22 -28.20 23.18
C PHE A 192 19.12 -28.57 22.02
N GLU A 193 20.11 -29.40 22.36
CA GLU A 193 21.03 -29.98 21.40
C GLU A 193 20.50 -31.27 20.89
N ILE A 194 20.89 -31.57 19.66
CA ILE A 194 20.49 -32.80 18.98
C ILE A 194 21.78 -33.34 18.39
N PRO A 195 22.01 -34.69 18.45
CA PRO A 195 23.22 -35.24 17.82
C PRO A 195 23.38 -34.88 16.33
N GLY A 196 24.63 -34.90 15.86
CA GLY A 196 24.98 -34.62 14.47
C GLY A 196 25.08 -33.14 14.16
N GLY A 197 25.36 -32.31 15.16
CA GLY A 197 25.49 -30.89 14.99
C GLY A 197 24.19 -30.09 14.83
N ARG A 198 23.07 -30.67 15.25
CA ARG A 198 21.76 -30.02 15.17
C ARG A 198 21.31 -29.42 16.47
N HIS A 199 20.25 -28.61 16.40
CA HIS A 199 19.70 -28.06 17.59
C HIS A 199 18.25 -27.71 17.34
N GLY A 200 17.56 -27.51 18.43
CA GLY A 200 16.14 -27.26 18.40
C GLY A 200 15.70 -26.16 19.35
N ALA A 201 14.57 -25.57 18.99
CA ALA A 201 13.90 -24.72 19.89
C ALA A 201 12.39 -24.89 19.84
N ARG A 202 11.75 -24.73 21.01
CA ARG A 202 10.32 -24.87 21.15
C ARG A 202 9.63 -23.58 21.56
N PHE A 203 8.54 -23.24 20.84
CA PHE A 203 7.70 -22.05 21.06
C PHE A 203 6.23 -22.37 21.36
N ASN A 204 5.68 -21.65 22.31
CA ASN A 204 4.27 -21.75 22.65
C ASN A 204 3.64 -20.37 22.49
N ASP A 205 2.65 -20.22 21.59
CA ASP A 205 1.88 -19.02 21.42
C ASP A 205 0.59 -19.19 22.16
N PRO A 206 0.41 -18.45 23.28
CA PRO A 206 -0.77 -18.73 24.09
C PRO A 206 -2.04 -18.06 23.51
N HIS A 207 -1.89 -17.17 22.50
CA HIS A 207 -3.06 -16.51 21.91
C HIS A 207 -3.64 -17.38 20.78
N LEU A 208 -4.94 -17.65 20.84
CA LEU A 208 -5.68 -18.33 19.72
C LEU A 208 -5.44 -17.53 18.45
N LYS A 209 -5.15 -18.22 17.35
CA LYS A 209 -4.97 -17.51 16.10
C LYS A 209 -5.35 -18.34 14.91
N PRO A 210 -5.73 -17.67 13.79
CA PRO A 210 -5.85 -18.33 12.47
C PRO A 210 -4.47 -18.76 11.92
N CYS A 211 -4.43 -19.72 10.99
CA CYS A 211 -3.13 -20.21 10.54
C CYS A 211 -2.36 -19.19 9.70
N TYR A 212 -3.03 -18.18 9.15
CA TYR A 212 -2.29 -17.15 8.38
C TYR A 212 -1.32 -16.32 9.20
N LEU A 213 -1.44 -16.36 10.53
CA LEU A 213 -0.54 -15.66 11.44
C LEU A 213 0.61 -16.52 12.02
N PHE A 214 0.70 -17.78 11.54
CA PHE A 214 1.84 -18.64 11.81
C PHE A 214 3.07 -18.12 11.10
N ALA A 215 4.17 -18.15 11.83
CA ALA A 215 5.51 -17.93 11.27
C ALA A 215 6.65 -18.68 11.94
N VAL A 216 7.66 -18.97 11.12
CA VAL A 216 8.91 -19.53 11.57
C VAL A 216 10.06 -18.88 10.78
N VAL A 217 11.18 -18.69 11.45
CA VAL A 217 12.42 -18.22 10.87
C VAL A 217 13.62 -19.03 11.44
N ALA A 218 14.58 -19.29 10.60
CA ALA A 218 15.83 -19.96 10.96
C ALA A 218 16.93 -19.30 10.15
N GLY A 219 17.98 -18.81 10.82
CA GLY A 219 19.08 -18.26 10.07
C GLY A 219 20.21 -17.84 10.96
N ASP A 220 21.27 -17.36 10.35
CA ASP A 220 22.40 -16.79 11.08
C ASP A 220 22.14 -15.29 11.32
N LEU A 221 21.24 -14.97 12.19
CA LEU A 221 20.76 -13.59 12.29
C LEU A 221 21.44 -12.88 13.41
N LYS A 222 21.63 -11.58 13.25
CA LYS A 222 22.08 -10.70 14.29
C LYS A 222 20.98 -9.76 14.65
N HIS A 223 21.07 -9.16 15.82
CA HIS A 223 19.99 -8.33 16.31
C HIS A 223 20.47 -7.14 17.07
N LEU A 224 19.56 -6.21 17.23
CA LEU A 224 19.53 -5.17 18.32
C LEU A 224 18.34 -5.45 19.18
N SER A 225 18.40 -5.04 20.44
CA SER A 225 17.31 -5.21 21.30
C SER A 225 17.13 -4.08 22.26
N ALA A 226 15.94 -4.01 22.83
CA ALA A 226 15.64 -3.04 23.91
C ALA A 226 14.49 -3.60 24.73
N THR A 227 14.28 -3.01 25.89
CA THR A 227 13.17 -3.32 26.75
C THR A 227 12.21 -2.16 26.75
N TYR A 228 10.94 -2.49 26.65
CA TYR A 228 9.86 -1.51 26.65
C TYR A 228 8.92 -1.86 27.81
N ILE A 229 8.57 -0.82 28.56
CA ILE A 229 7.69 -0.99 29.68
C ILE A 229 6.34 -0.37 29.36
N THR A 230 5.31 -1.23 29.35
CA THR A 230 3.99 -0.77 28.93
C THR A 230 3.45 0.26 29.90
N LYS A 231 2.52 1.08 29.39
CA LYS A 231 2.21 2.33 30.07
C LYS A 231 1.30 2.15 31.28
N TYR A 232 0.29 1.31 31.16
CA TYR A 232 -0.76 1.15 32.16
C TYR A 232 -0.45 0.03 33.12
N THR A 233 -0.01 -1.11 32.61
CA THR A 233 0.20 -2.31 33.48
C THR A 233 1.68 -2.52 33.81
N LYS A 234 2.56 -1.72 33.23
CA LYS A 234 4.03 -1.82 33.43
C LYS A 234 4.62 -3.18 33.09
N LYS A 235 4.10 -3.86 32.08
CA LYS A 235 4.67 -5.16 31.65
C LYS A 235 5.99 -4.91 30.90
N LYS A 236 7.01 -5.72 31.17
CA LYS A 236 8.30 -5.56 30.52
C LYS A 236 8.21 -6.34 29.23
N VAL A 237 8.49 -5.73 28.10
CA VAL A 237 8.48 -6.42 26.80
C VAL A 237 9.87 -6.30 26.21
N GLU A 238 10.43 -7.42 25.78
CA GLU A 238 11.70 -7.43 25.10
C GLU A 238 11.42 -7.28 23.64
N LEU A 239 12.05 -6.27 23.05
CA LEU A 239 11.98 -5.97 21.63
C LEU A 239 13.31 -6.39 21.01
N TYR A 240 13.24 -7.28 20.05
CA TYR A 240 14.32 -7.74 19.16
C TYR A 240 14.01 -7.37 17.64
N VAL A 241 15.00 -6.84 16.94
CA VAL A 241 14.95 -6.67 15.51
C VAL A 241 16.14 -7.40 14.94
N PHE A 242 15.89 -8.11 13.85
CA PHE A 242 16.89 -9.07 13.31
C PHE A 242 17.19 -8.87 11.86
N SER A 243 18.42 -9.14 11.48
CA SER A 243 18.76 -9.24 10.08
C SER A 243 19.94 -10.13 9.86
N GLU A 244 20.26 -10.39 8.59
CA GLU A 244 21.62 -10.94 8.29
C GLU A 244 22.76 -10.01 8.83
N GLU A 245 23.90 -10.65 9.09
CA GLU A 245 25.03 -10.05 9.72
C GLU A 245 25.49 -8.75 9.01
N LYS A 246 25.53 -8.80 7.68
CA LYS A 246 26.02 -7.69 6.92
C LYS A 246 25.25 -6.38 7.22
N TYR A 247 23.96 -6.46 7.54
CA TYR A 247 23.13 -5.32 7.62
C TYR A 247 22.58 -5.06 8.96
N VAL A 248 23.17 -5.62 9.97
CA VAL A 248 22.72 -5.37 11.35
C VAL A 248 22.73 -3.88 11.79
N SER A 249 23.69 -3.12 11.31
CA SER A 249 23.76 -1.69 11.61
C SER A 249 22.63 -0.87 10.97
N LYS A 250 21.81 -1.46 10.12
CA LYS A 250 20.68 -0.80 9.46
C LYS A 250 19.32 -1.06 10.18
N LEU A 251 19.37 -1.65 11.38
CA LEU A 251 18.22 -2.00 12.19
C LEU A 251 17.77 -0.92 13.18
N GLN A 252 18.56 0.13 13.41
CA GLN A 252 18.28 1.03 14.55
C GLN A 252 16.96 1.77 14.41
N TRP A 253 16.73 2.38 13.26
CA TRP A 253 15.51 3.18 13.04
C TRP A 253 14.24 2.32 13.18
N ALA A 254 14.25 1.11 12.64
CA ALA A 254 13.10 0.18 12.81
C ALA A 254 12.78 -0.02 14.25
N LEU A 255 13.80 -0.23 15.06
CA LEU A 255 13.55 -0.44 16.53
C LEU A 255 12.93 0.78 17.20
N GLU A 256 13.44 1.93 16.83
CA GLU A 256 12.91 3.15 17.33
C GLU A 256 11.46 3.31 16.83
N CYS A 257 11.18 2.96 15.58
CA CYS A 257 9.82 3.09 15.05
C CYS A 257 8.83 2.15 15.79
N LEU A 258 9.32 0.99 16.17
CA LEU A 258 8.53 0.10 17.00
C LEU A 258 8.17 0.67 18.37
N LYS A 259 9.16 1.22 19.05
CA LYS A 259 8.86 1.93 20.32
C LYS A 259 7.81 3.05 20.14
N LYS A 260 7.98 3.82 19.08
CA LYS A 260 6.99 4.86 18.72
C LYS A 260 5.61 4.35 18.45
N SER A 261 5.53 3.22 17.75
CA SER A 261 4.27 2.54 17.47
C SER A 261 3.56 2.02 18.75
N MET A 262 4.34 1.41 19.63
CA MET A 262 3.78 0.90 20.90
C MET A 262 3.26 2.08 21.71
N ALA A 263 4.02 3.17 21.76
CA ALA A 263 3.60 4.37 22.56
C ALA A 263 2.35 5.00 21.99
N PHE A 264 2.23 5.04 20.65
CA PHE A 264 1.06 5.59 20.03
C PHE A 264 -0.21 4.81 20.32
N ASP A 265 -0.16 3.47 20.17
CA ASP A 265 -1.32 2.67 20.46
C ASP A 265 -1.71 2.79 21.95
N GLU A 266 -0.74 2.90 22.83
CA GLU A 266 -1.05 3.18 24.26
C GLU A 266 -1.71 4.53 24.40
N ASP A 267 -1.09 5.56 23.80
CA ASP A 267 -1.53 6.95 24.01
C ASP A 267 -2.89 7.26 23.35
N TYR A 268 -3.08 6.89 22.11
CA TYR A 268 -4.35 7.19 21.43
C TYR A 268 -5.49 6.20 21.69
N PHE A 269 -5.17 4.89 21.68
CA PHE A 269 -6.18 3.85 21.75
C PHE A 269 -6.20 3.09 23.08
N GLY A 270 -5.20 3.31 23.95
CA GLY A 270 -5.12 2.63 25.21
C GLY A 270 -4.74 1.16 25.09
N LEU A 271 -4.11 0.76 24.00
CA LEU A 271 -3.85 -0.65 23.77
C LEU A 271 -2.42 -0.98 24.12
N GLU A 272 -2.23 -2.04 24.93
CA GLU A 272 -0.87 -2.51 25.23
C GLU A 272 -0.49 -3.78 24.52
N TYR A 273 0.78 -3.98 24.24
CA TYR A 273 1.31 -5.28 23.74
C TYR A 273 1.06 -6.43 24.75
N ASP A 274 0.93 -7.64 24.22
CA ASP A 274 0.30 -8.76 24.97
C ASP A 274 1.16 -10.02 25.05
N LEU A 275 2.43 -9.93 24.69
CA LEU A 275 3.37 -10.99 24.95
C LEU A 275 4.63 -10.41 25.62
N SER A 276 5.49 -11.29 26.11
CA SER A 276 6.74 -10.85 26.79
C SER A 276 7.83 -10.47 25.79
N ARG A 277 7.63 -10.88 24.54
CA ARG A 277 8.58 -10.61 23.54
C ARG A 277 7.91 -10.32 22.20
N LEU A 278 8.56 -9.44 21.47
CA LEU A 278 8.19 -9.10 19.99
C LEU A 278 9.42 -9.05 19.07
N ASN A 279 9.48 -9.93 18.08
CA ASN A 279 10.57 -9.98 17.15
C ASN A 279 10.13 -9.36 15.81
N LEU A 280 11.00 -8.52 15.22
CA LEU A 280 10.90 -8.08 13.84
C LEU A 280 12.09 -8.63 13.06
N VAL A 281 11.84 -9.23 11.89
CA VAL A 281 12.91 -9.87 11.11
C VAL A 281 12.89 -9.34 9.65
N ALA A 282 14.05 -8.94 9.12
CA ALA A 282 14.19 -8.57 7.73
C ALA A 282 14.67 -9.75 6.88
N VAL A 283 14.04 -9.92 5.72
CA VAL A 283 14.53 -10.92 4.73
C VAL A 283 14.57 -10.24 3.36
N SER A 284 15.52 -10.69 2.53
CA SER A 284 15.81 -10.05 1.24
C SER A 284 14.74 -10.24 0.16
N ASP A 285 14.10 -11.39 0.21
CA ASP A 285 13.19 -11.91 -0.83
C ASP A 285 11.79 -12.02 -0.20
N PHE A 286 10.93 -11.09 -0.60
CA PHE A 286 9.63 -10.93 -0.01
C PHE A 286 8.67 -10.32 -1.01
N ASN A 287 7.49 -10.91 -1.09
CA ASN A 287 6.50 -10.45 -2.09
C ASN A 287 5.89 -9.10 -1.91
N VAL A 288 5.73 -8.68 -0.65
CA VAL A 288 5.07 -7.43 -0.32
C VAL A 288 5.99 -6.65 0.65
N GLY A 289 5.43 -5.83 1.54
CA GLY A 289 6.21 -4.97 2.45
C GLY A 289 6.55 -5.65 3.75
N ALA A 290 5.54 -6.23 4.42
CA ALA A 290 5.74 -6.94 5.65
C ALA A 290 4.48 -7.70 6.05
N MET A 291 4.53 -8.39 7.19
CA MET A 291 3.50 -9.32 7.61
C MET A 291 3.45 -9.39 9.10
N GLU A 292 2.24 -9.38 9.63
CA GLU A 292 1.98 -9.19 11.07
C GLU A 292 1.94 -10.48 11.94
N ASN A 293 2.70 -11.53 11.58
CA ASN A 293 2.63 -12.78 12.36
C ASN A 293 2.81 -12.45 13.83
N LYS A 294 2.04 -13.13 14.68
CA LYS A 294 1.96 -12.75 16.08
C LYS A 294 3.32 -12.93 16.74
N GLY A 295 3.82 -11.83 17.30
CA GLY A 295 5.08 -11.80 18.04
C GLY A 295 6.33 -11.97 17.17
N LEU A 296 6.15 -11.97 15.88
CA LEU A 296 7.16 -12.37 14.89
C LEU A 296 6.84 -11.78 13.51
N ASN A 297 6.90 -10.47 13.46
CA ASN A 297 6.63 -9.71 12.23
C ASN A 297 7.77 -9.82 11.26
N ILE A 298 7.45 -10.20 10.01
CA ILE A 298 8.49 -10.46 9.02
C ILE A 298 8.37 -9.37 7.95
N PHE A 299 9.48 -8.83 7.53
CA PHE A 299 9.56 -7.65 6.64
C PHE A 299 10.42 -7.93 5.41
N ASN A 300 9.97 -7.39 4.29
CA ASN A 300 10.88 -7.06 3.17
C ASN A 300 11.97 -6.19 3.76
N ALA A 301 13.23 -6.57 3.54
CA ALA A 301 14.34 -5.76 3.99
C ALA A 301 14.25 -4.28 3.59
N ASN A 302 13.69 -3.98 2.41
CA ASN A 302 13.44 -2.56 2.03
C ASN A 302 12.45 -1.81 2.86
N SER A 303 11.73 -2.49 3.71
CA SER A 303 10.76 -1.79 4.59
C SER A 303 11.11 -1.95 6.09
N LEU A 304 12.31 -2.43 6.38
CA LEU A 304 12.83 -2.50 7.75
C LEU A 304 14.23 -1.87 7.91
N LEU A 305 15.10 -1.99 6.92
CA LEU A 305 16.51 -1.63 7.04
C LEU A 305 16.82 -0.31 6.38
N ALA A 306 17.50 0.59 7.09
CA ALA A 306 18.02 1.83 6.52
C ALA A 306 19.28 2.27 7.29
N SER A 307 20.17 2.98 6.61
CA SER A 307 21.14 3.86 7.32
C SER A 307 21.23 5.19 6.52
N LYS A 308 21.49 6.28 7.21
CA LYS A 308 21.52 7.56 6.52
C LYS A 308 22.56 7.71 5.42
N LYS A 309 23.65 6.97 5.53
CA LYS A 309 24.70 6.98 4.51
C LYS A 309 24.32 6.13 3.26
N ASN A 310 23.43 5.15 3.44
CA ASN A 310 23.14 4.06 2.48
C ASN A 310 21.68 3.96 2.03
N SER A 311 20.83 4.92 2.42
CA SER A 311 19.41 4.88 2.08
C SER A 311 18.95 6.25 1.68
N ILE A 312 18.02 6.31 0.72
CA ILE A 312 17.33 7.57 0.41
C ILE A 312 16.38 7.94 1.52
N ASP A 313 16.04 9.22 1.57
CA ASP A 313 15.17 9.74 2.60
C ASP A 313 13.80 8.95 2.76
N PHE A 314 13.17 8.65 1.61
CA PHE A 314 11.85 7.95 1.64
C PHE A 314 11.89 6.61 2.37
N SER A 315 13.06 5.98 2.50
CA SER A 315 13.16 4.73 3.34
C SER A 315 12.76 4.97 4.75
N TYR A 316 13.08 6.13 5.32
CA TYR A 316 12.67 6.44 6.72
C TYR A 316 11.15 6.55 6.89
N ALA A 317 10.42 7.22 6.01
CA ALA A 317 8.94 7.22 6.07
C ALA A 317 8.33 5.84 5.82
N ARG A 318 8.88 5.14 4.86
CA ARG A 318 8.42 3.77 4.56
C ARG A 318 8.54 2.83 5.78
N ILE A 319 9.68 2.84 6.46
CA ILE A 319 9.90 1.96 7.58
C ILE A 319 8.96 2.35 8.72
N LEU A 320 8.81 3.65 8.93
CA LEU A 320 7.95 4.13 10.00
C LEU A 320 6.51 3.63 9.76
N THR A 321 6.04 3.77 8.52
CA THR A 321 4.74 3.27 8.08
C THR A 321 4.59 1.76 8.24
N VAL A 322 5.54 1.01 7.73
CA VAL A 322 5.37 -0.45 7.72
C VAL A 322 5.50 -1.05 9.13
N VAL A 323 6.50 -0.59 9.89
CA VAL A 323 6.58 -1.05 11.30
C VAL A 323 5.30 -0.74 12.06
N GLY A 324 4.84 0.48 11.95
CA GLY A 324 3.59 0.87 12.54
C GLY A 324 2.42 -0.01 12.12
N HIS A 325 2.29 -0.20 10.83
CA HIS A 325 1.20 -0.97 10.25
C HIS A 325 1.20 -2.35 10.87
N GLU A 326 2.32 -3.07 10.78
CA GLU A 326 2.35 -4.42 11.38
C GLU A 326 2.06 -4.44 12.88
N TYR A 327 2.59 -3.43 13.60
CA TYR A 327 2.38 -3.36 15.02
C TYR A 327 0.89 -3.16 15.32
N PHE A 328 0.27 -2.27 14.56
CA PHE A 328 -1.18 -1.99 14.79
C PHE A 328 -2.09 -3.17 14.50
N HIS A 329 -1.66 -4.05 13.59
CA HIS A 329 -2.39 -5.30 13.40
C HIS A 329 -2.49 -6.18 14.64
N ASN A 330 -1.62 -5.98 15.65
CA ASN A 330 -1.66 -6.82 16.78
C ASN A 330 -3.04 -6.84 17.43
N TYR A 331 -3.70 -5.69 17.45
CA TYR A 331 -5.13 -5.60 17.73
C TYR A 331 -6.05 -5.73 16.53
N THR A 332 -5.85 -4.88 15.51
CA THR A 332 -6.75 -4.90 14.38
C THR A 332 -6.26 -5.89 13.33
N GLY A 333 -6.53 -7.16 13.62
CA GLY A 333 -6.22 -8.28 12.71
C GLY A 333 -5.85 -9.55 13.51
N ASN A 334 -5.11 -9.40 14.61
CA ASN A 334 -4.66 -10.50 15.44
C ASN A 334 -5.61 -10.72 16.60
N ARG A 335 -5.60 -9.86 17.61
CA ARG A 335 -6.54 -10.02 18.70
C ARG A 335 -8.00 -9.98 18.27
N VAL A 336 -8.34 -9.20 17.25
CA VAL A 336 -9.67 -9.33 16.61
C VAL A 336 -9.35 -9.64 15.19
N THR A 337 -9.70 -10.83 14.72
CA THR A 337 -9.35 -11.28 13.39
C THR A 337 -10.56 -11.34 12.46
N LEU A 338 -10.40 -11.97 11.30
CA LEU A 338 -11.47 -12.03 10.29
C LEU A 338 -12.31 -13.32 10.33
N ARG A 339 -13.64 -13.17 10.14
CA ARG A 339 -14.51 -14.33 10.01
C ARG A 339 -14.18 -15.07 8.69
N ASP A 340 -13.82 -14.32 7.66
CA ASP A 340 -13.59 -14.86 6.35
C ASP A 340 -12.83 -13.82 5.51
N TRP A 341 -12.28 -14.20 4.38
CA TRP A 341 -11.41 -13.27 3.64
C TRP A 341 -12.12 -12.09 2.98
N PHE A 342 -13.44 -12.20 2.84
CA PHE A 342 -14.20 -11.15 2.24
C PHE A 342 -14.22 -9.98 3.22
N GLN A 343 -13.92 -10.22 4.49
CA GLN A 343 -13.79 -9.16 5.48
C GLN A 343 -12.41 -8.43 5.53
N LEU A 344 -11.54 -8.73 4.58
CA LEU A 344 -10.14 -8.28 4.58
C LEU A 344 -10.01 -6.82 4.96
N THR A 345 -10.87 -5.97 4.38
CA THR A 345 -10.76 -4.53 4.63
C THR A 345 -10.93 -4.19 6.10
N LEU A 346 -11.63 -5.03 6.85
CA LEU A 346 -11.81 -4.78 8.28
C LEU A 346 -10.49 -4.71 9.04
N LYS A 347 -9.54 -5.54 8.64
CA LYS A 347 -8.21 -5.46 9.23
C LYS A 347 -7.30 -4.54 8.41
N GLU A 348 -7.31 -4.61 7.08
CA GLU A 348 -6.38 -3.75 6.29
C GLU A 348 -6.77 -2.32 6.20
N GLY A 349 -8.01 -2.02 5.87
CA GLY A 349 -8.48 -0.63 5.88
C GLY A 349 -8.27 0.04 7.22
N LEU A 350 -8.61 -0.66 8.30
CA LEU A 350 -8.57 -0.11 9.65
C LEU A 350 -7.13 0.03 10.14
N THR A 351 -6.26 -0.90 9.74
CA THR A 351 -4.86 -0.83 10.08
C THR A 351 -4.12 0.27 9.30
N VAL A 352 -4.52 0.46 8.04
CA VAL A 352 -3.98 1.62 7.25
C VAL A 352 -4.37 2.96 7.89
N HIS A 353 -5.60 3.04 8.32
CA HIS A 353 -6.12 4.24 8.96
C HIS A 353 -5.36 4.47 10.27
N ARG A 354 -5.16 3.42 11.06
CA ARG A 354 -4.35 3.53 12.30
C ARG A 354 -2.91 3.98 12.00
N GLU A 355 -2.34 3.42 10.95
CA GLU A 355 -0.99 3.75 10.59
C GLU A 355 -0.94 5.24 10.11
N ASN A 356 -2.02 5.74 9.48
CA ASN A 356 -2.02 7.09 8.95
C ASN A 356 -2.12 8.09 10.11
N LEU A 357 -2.94 7.82 11.11
CA LEU A 357 -2.98 8.68 12.30
C LEU A 357 -1.62 8.71 13.00
N PHE A 358 -0.99 7.54 13.03
CA PHE A 358 0.32 7.41 13.67
C PHE A 358 1.34 8.24 12.90
N SER A 359 1.40 8.06 11.58
CA SER A 359 2.37 8.77 10.74
C SER A 359 2.18 10.27 10.75
N GLU A 360 0.93 10.74 10.71
CA GLU A 360 0.64 12.19 10.76
C GLU A 360 1.16 12.76 12.10
N GLU A 361 0.97 12.04 13.18
CA GLU A 361 1.40 12.48 14.50
C GLU A 361 2.92 12.49 14.63
N MET A 362 3.60 11.48 14.05
CA MET A 362 5.05 11.35 14.18
C MET A 362 5.76 12.32 13.26
N THR A 363 5.27 12.50 12.02
CA THR A 363 5.97 13.40 11.09
C THR A 363 5.66 14.89 11.29
N LYS A 364 4.43 15.18 11.65
CA LYS A 364 3.85 16.54 11.90
C LYS A 364 4.02 17.43 10.71
N THR A 365 3.89 16.88 9.52
CA THR A 365 4.00 17.69 8.29
C THR A 365 2.75 17.46 7.50
N VAL A 366 2.28 18.46 6.79
CA VAL A 366 1.04 18.29 6.00
C VAL A 366 1.22 17.35 4.82
N THR A 367 2.46 17.10 4.40
CA THR A 367 2.67 16.26 3.24
C THR A 367 2.35 14.80 3.50
N THR A 368 2.30 14.39 4.77
CA THR A 368 1.93 12.99 5.07
C THR A 368 0.50 12.65 4.64
N ARG A 369 -0.43 13.51 5.02
CA ARG A 369 -1.83 13.37 4.58
C ARG A 369 -1.92 13.57 3.05
N LEU A 370 -1.26 14.59 2.51
CA LEU A 370 -1.31 14.79 1.07
C LEU A 370 -0.80 13.60 0.21
N SER A 371 0.26 12.96 0.67
CA SER A 371 0.80 11.82 -0.01
C SER A 371 -0.23 10.64 -0.07
N HIS A 372 -1.05 10.49 0.97
CA HIS A 372 -2.06 9.43 1.00
CA HIS A 372 -2.04 9.40 0.97
C HIS A 372 -3.20 9.73 0.00
N VAL A 373 -3.58 11.00 -0.05
CA VAL A 373 -4.60 11.50 -0.97
C VAL A 373 -4.10 11.35 -2.39
N ASP A 374 -2.83 11.73 -2.61
CA ASP A 374 -2.23 11.67 -3.89
C ASP A 374 -2.26 10.21 -4.46
N LEU A 375 -1.91 9.29 -3.61
CA LEU A 375 -1.90 7.87 -3.93
C LEU A 375 -3.30 7.36 -4.25
N LEU A 376 -4.26 7.70 -3.40
CA LEU A 376 -5.62 7.25 -3.60
C LEU A 376 -6.18 7.78 -4.93
N ARG A 377 -6.07 9.08 -5.16
CA ARG A 377 -6.76 9.70 -6.28
C ARG A 377 -6.10 9.34 -7.61
N SER A 378 -4.90 8.80 -7.57
CA SER A 378 -4.20 8.40 -8.74
C SER A 378 -4.46 6.90 -8.87
N VAL A 379 -3.80 6.08 -8.05
CA VAL A 379 -3.82 4.64 -8.21
C VAL A 379 -5.22 4.00 -7.92
N GLN A 380 -5.85 4.38 -6.81
CA GLN A 380 -7.08 3.74 -6.40
C GLN A 380 -8.26 4.19 -7.26
N PHE A 381 -8.33 5.48 -7.61
CA PHE A 381 -9.38 5.94 -8.54
C PHE A 381 -9.25 5.28 -9.92
N LEU A 382 -8.05 5.09 -10.42
CA LEU A 382 -7.85 4.38 -11.70
C LEU A 382 -8.39 2.93 -11.58
N GLU A 383 -8.02 2.25 -10.52
CA GLU A 383 -8.57 0.93 -10.22
C GLU A 383 -10.10 0.90 -10.19
N ASP A 384 -10.69 1.85 -9.45
CA ASP A 384 -12.13 1.95 -9.40
C ASP A 384 -12.86 2.32 -10.67
N SER A 385 -12.19 2.87 -11.71
CA SER A 385 -12.86 3.07 -12.99
C SER A 385 -12.42 2.04 -14.06
N SER A 386 -11.70 0.99 -13.61
CA SER A 386 -11.21 -0.05 -14.49
C SER A 386 -12.16 -1.25 -14.44
N PRO A 387 -11.91 -2.24 -15.32
CA PRO A 387 -12.73 -3.45 -15.21
C PRO A 387 -12.43 -4.27 -13.96
N LEU A 388 -11.36 -3.95 -13.24
CA LEU A 388 -11.10 -4.57 -11.94
C LEU A 388 -11.84 -3.98 -10.76
N SER A 389 -12.60 -2.91 -11.03
CA SER A 389 -13.29 -2.18 -9.96
C SER A 389 -14.08 -3.16 -9.05
N HIS A 390 -13.92 -3.02 -7.75
CA HIS A 390 -14.63 -3.84 -6.77
C HIS A 390 -14.92 -2.99 -5.55
N PRO A 391 -15.93 -3.39 -4.75
CA PRO A 391 -16.17 -2.68 -3.52
C PRO A 391 -15.07 -3.11 -2.51
N ILE A 392 -14.94 -2.36 -1.41
CA ILE A 392 -13.96 -2.74 -0.40
C ILE A 392 -14.21 -4.10 0.28
N ARG A 393 -15.45 -4.58 0.32
CA ARG A 393 -15.77 -5.96 0.70
C ARG A 393 -16.24 -6.63 -0.62
N PRO A 394 -15.35 -7.29 -1.33
CA PRO A 394 -15.74 -7.98 -2.57
C PRO A 394 -16.87 -9.02 -2.38
N GLU A 395 -17.58 -9.30 -3.48
CA GLU A 395 -18.57 -10.36 -3.50
C GLU A 395 -18.00 -11.75 -3.89
N SER A 396 -16.82 -11.81 -4.51
CA SER A 396 -16.34 -13.10 -4.97
C SER A 396 -14.88 -13.05 -5.28
N TYR A 397 -14.23 -14.21 -5.28
CA TYR A 397 -12.86 -14.27 -5.74
C TYR A 397 -12.50 -15.63 -6.24
N VAL A 398 -11.41 -15.68 -7.02
CA VAL A 398 -10.80 -16.97 -7.38
C VAL A 398 -9.56 -17.12 -6.54
N SER A 399 -8.58 -16.22 -6.66
CA SER A 399 -7.39 -16.27 -5.81
C SER A 399 -7.54 -15.11 -4.82
N MET A 400 -7.50 -15.38 -3.53
CA MET A 400 -7.67 -14.30 -2.56
C MET A 400 -6.47 -13.33 -2.66
N GLU A 401 -5.33 -13.77 -3.18
CA GLU A 401 -4.15 -12.94 -3.24
C GLU A 401 -4.38 -11.72 -4.19
N ASN A 402 -5.32 -11.83 -5.10
CA ASN A 402 -5.68 -10.72 -6.01
C ASN A 402 -6.53 -9.66 -5.37
N PHE A 403 -7.03 -9.91 -4.13
CA PHE A 403 -7.83 -8.91 -3.47
C PHE A 403 -7.09 -8.08 -2.42
N TYR A 404 -5.76 -8.17 -2.43
CA TYR A 404 -4.93 -7.32 -1.62
C TYR A 404 -4.56 -6.05 -2.44
N THR A 405 -5.56 -5.20 -2.60
CA THR A 405 -5.57 -4.08 -3.56
C THR A 405 -5.61 -2.72 -2.88
N THR A 406 -5.29 -1.72 -3.65
CA THR A 406 -5.39 -0.36 -3.21
C THR A 406 -6.83 0.01 -2.85
N THR A 407 -7.80 -0.59 -3.54
CA THR A 407 -9.16 -0.43 -3.12
C THR A 407 -9.39 -0.94 -1.68
N VAL A 408 -8.95 -2.15 -1.41
CA VAL A 408 -9.16 -2.75 -0.07
C VAL A 408 -8.35 -2.00 0.99
N TYR A 409 -7.15 -1.57 0.67
CA TYR A 409 -6.28 -0.94 1.64
C TYR A 409 -6.57 0.56 1.78
N ASP A 410 -6.50 1.24 0.63
CA ASP A 410 -6.53 2.69 0.59
C ASP A 410 -7.91 3.25 0.61
N LYS A 411 -8.81 2.78 -0.26
CA LYS A 411 -10.23 3.18 -0.11
C LYS A 411 -10.77 2.71 1.27
N GLY A 412 -10.40 1.49 1.63
CA GLY A 412 -10.75 0.95 2.93
C GLY A 412 -10.37 1.89 4.03
N SER A 413 -9.15 2.42 3.97
CA SER A 413 -8.71 3.31 5.08
C SER A 413 -9.49 4.60 5.14
N GLU A 414 -9.87 5.10 3.95
CA GLU A 414 -10.69 6.32 3.87
C GLU A 414 -12.09 6.10 4.39
N VAL A 415 -12.65 4.91 4.14
CA VAL A 415 -13.91 4.55 4.74
C VAL A 415 -13.77 4.49 6.25
N MET A 416 -12.68 3.95 6.74
CA MET A 416 -12.46 3.85 8.19
C MET A 416 -12.17 5.25 8.82
N ARG A 417 -11.53 6.10 8.05
CA ARG A 417 -11.27 7.46 8.48
C ARG A 417 -12.53 8.30 8.52
N MET A 418 -13.49 8.05 7.60
CA MET A 418 -14.77 8.80 7.68
C MET A 418 -15.52 8.68 9.01
N TYR A 419 -15.46 7.50 9.65
CA TYR A 419 -16.03 7.34 10.96
C TYR A 419 -15.45 8.38 11.98
N LEU A 420 -14.12 8.60 11.98
CA LEU A 420 -13.49 9.60 12.82
C LEU A 420 -13.98 11.01 12.51
N THR A 421 -14.11 11.31 11.23
CA THR A 421 -14.64 12.60 10.78
C THR A 421 -16.05 12.81 11.23
N ILE A 422 -16.91 11.80 11.07
CA ILE A 422 -18.32 11.89 11.48
C ILE A 422 -18.46 12.02 13.03
N LEU A 423 -17.69 11.25 13.80
CA LEU A 423 -17.87 11.18 15.27
C LEU A 423 -17.08 12.21 16.08
N GLY A 424 -15.97 12.69 15.53
CA GLY A 424 -14.90 13.43 16.25
C GLY A 424 -14.10 12.49 17.13
N GLU A 425 -13.00 13.00 17.64
CA GLU A 425 -11.97 12.14 18.31
C GLU A 425 -12.56 11.38 19.52
N GLU A 426 -13.33 12.08 20.36
CA GLU A 426 -13.84 11.49 21.62
C GLU A 426 -14.79 10.29 21.36
N TYR A 427 -15.78 10.49 20.51
CA TYR A 427 -16.73 9.44 20.26
C TYR A 427 -16.15 8.35 19.33
N TYR A 428 -15.24 8.76 18.46
CA TYR A 428 -14.47 7.76 17.65
C TYR A 428 -13.75 6.79 18.58
N LYS A 429 -13.01 7.28 19.57
CA LYS A 429 -12.31 6.41 20.50
C LYS A 429 -13.29 5.51 21.26
N LYS A 430 -14.45 6.06 21.66
CA LYS A 430 -15.52 5.24 22.33
C LYS A 430 -15.99 4.08 21.44
N GLY A 431 -16.31 4.34 20.16
CA GLY A 431 -16.79 3.28 19.30
C GLY A 431 -15.75 2.21 18.96
N PHE A 432 -14.53 2.67 18.76
CA PHE A 432 -13.34 1.77 18.52
C PHE A 432 -13.17 0.84 19.71
N ASP A 433 -13.20 1.43 20.90
CA ASP A 433 -13.15 0.62 22.14
C ASP A 433 -14.24 -0.41 22.26
N ILE A 434 -15.49 -0.06 21.91
CA ILE A 434 -16.58 -1.00 21.90
C ILE A 434 -16.28 -2.20 20.97
N TYR A 435 -15.73 -1.88 19.80
CA TYR A 435 -15.40 -2.86 18.81
C TYR A 435 -14.32 -3.79 19.32
N ILE A 436 -13.25 -3.21 19.81
CA ILE A 436 -12.07 -4.04 20.12
C ILE A 436 -12.31 -4.95 21.37
N LYS A 437 -13.10 -4.45 22.28
CA LYS A 437 -13.39 -5.16 23.51
C LYS A 437 -14.36 -6.22 23.28
N LYS A 438 -15.47 -5.90 22.58
CA LYS A 438 -16.54 -6.86 22.34
C LYS A 438 -16.04 -8.07 21.56
N ASN A 439 -15.14 -7.88 20.60
CA ASN A 439 -14.71 -8.95 19.67
C ASN A 439 -13.28 -9.53 19.94
N ASP A 440 -12.65 -9.13 21.04
CA ASP A 440 -11.35 -9.63 21.44
C ASP A 440 -11.28 -11.16 21.52
N GLY A 441 -10.23 -11.72 20.98
CA GLY A 441 -10.02 -13.18 21.00
C GLY A 441 -10.90 -13.87 20.00
N ASN A 442 -11.50 -13.10 19.09
CA ASN A 442 -12.49 -13.68 18.16
C ASN A 442 -12.36 -13.17 16.74
N THR A 443 -13.18 -13.76 15.86
CA THR A 443 -13.36 -13.23 14.49
C THR A 443 -14.38 -12.11 14.49
N ALA A 444 -14.39 -11.29 13.43
CA ALA A 444 -15.34 -10.22 13.31
C ALA A 444 -15.63 -9.98 11.83
N THR A 445 -16.69 -9.22 11.60
CA THR A 445 -17.09 -8.86 10.24
C THR A 445 -17.16 -7.33 10.14
N CYS A 446 -17.28 -6.82 8.90
CA CYS A 446 -17.46 -5.39 8.74
C CYS A 446 -18.70 -4.86 9.46
N GLU A 447 -19.78 -5.66 9.51
CA GLU A 447 -21.00 -5.25 10.25
C GLU A 447 -20.71 -5.05 11.71
N ASP A 448 -19.84 -5.91 12.32
CA ASP A 448 -19.48 -5.70 13.74
C ASP A 448 -18.85 -4.36 13.94
N PHE A 449 -18.02 -3.93 12.99
CA PHE A 449 -17.40 -2.58 13.18
C PHE A 449 -18.40 -1.46 13.05
N ASN A 450 -19.20 -1.52 11.99
CA ASN A 450 -20.27 -0.53 11.78
C ASN A 450 -21.21 -0.45 12.99
N TYR A 451 -21.51 -1.59 13.61
CA TYR A 451 -22.39 -1.64 14.78
C TYR A 451 -21.74 -0.91 15.92
N ALA A 452 -20.42 -1.08 16.12
CA ALA A 452 -19.73 -0.35 17.20
C ALA A 452 -19.72 1.16 17.01
N MET A 453 -19.46 1.52 15.75
CA MET A 453 -19.51 2.94 15.37
C MET A 453 -20.94 3.52 15.52
N GLU A 454 -21.94 2.71 15.17
CA GLU A 454 -23.34 3.16 15.34
C GLU A 454 -23.67 3.41 16.80
N GLN A 455 -23.19 2.55 17.71
CA GLN A 455 -23.36 2.83 19.15
C GLN A 455 -22.85 4.18 19.59
N ALA A 456 -21.61 4.52 19.18
CA ALA A 456 -21.01 5.85 19.40
C ALA A 456 -21.78 7.00 18.73
N TYR A 457 -22.34 6.72 17.55
CA TYR A 457 -23.11 7.72 16.82
C TYR A 457 -24.41 8.13 17.53
N LYS A 458 -25.10 7.13 18.05
CA LYS A 458 -26.25 7.34 18.90
C LYS A 458 -25.91 8.17 20.13
N MET A 459 -24.81 7.87 20.81
CA MET A 459 -24.38 8.62 21.97
C MET A 459 -24.08 10.06 21.51
N LYS A 460 -23.37 10.22 20.39
CA LYS A 460 -22.99 11.56 19.95
C LYS A 460 -24.23 12.40 19.59
N LYS A 461 -25.20 11.80 18.89
CA LYS A 461 -26.45 12.51 18.55
C LYS A 461 -27.41 12.63 19.75
N ALA A 462 -27.21 11.80 20.78
CA ALA A 462 -28.07 11.71 21.99
C ALA A 462 -29.46 11.26 21.55
N ASP A 463 -29.50 10.19 20.77
CA ASP A 463 -30.70 9.77 20.07
C ASP A 463 -30.56 8.29 19.68
N ASN A 464 -31.15 7.41 20.49
CA ASN A 464 -31.03 6.00 20.23
C ASN A 464 -31.82 5.52 19.02
N SER A 465 -32.49 6.42 18.33
CA SER A 465 -33.03 6.14 16.98
C SER A 465 -32.07 6.48 15.80
N ALA A 466 -30.92 7.12 16.05
CA ALA A 466 -29.96 7.39 14.95
C ALA A 466 -29.38 6.03 14.48
N ASN A 467 -29.06 5.88 13.19
CA ASN A 467 -28.41 4.65 12.72
C ASN A 467 -27.43 4.93 11.56
N LEU A 468 -26.56 3.96 11.32
CA LEU A 468 -25.57 3.99 10.28
C LEU A 468 -25.86 2.86 9.28
N ASN A 469 -27.14 2.46 9.07
CA ASN A 469 -27.43 1.44 8.05
CA ASN A 469 -27.39 1.41 8.01
C ASN A 469 -26.94 1.85 6.64
N GLN A 470 -27.14 3.12 6.31
CA GLN A 470 -26.68 3.69 5.07
C GLN A 470 -25.19 3.57 4.88
N TYR A 471 -24.45 3.71 5.96
CA TYR A 471 -22.97 3.62 5.92
C TYR A 471 -22.47 2.30 5.30
N LEU A 472 -23.21 1.19 5.46
CA LEU A 472 -22.83 -0.07 4.89
C LEU A 472 -22.61 -0.11 3.42
N LEU A 473 -23.21 0.84 2.72
CA LEU A 473 -23.03 0.95 1.27
C LEU A 473 -21.61 1.31 0.92
N TRP A 474 -20.89 1.96 1.84
CA TRP A 474 -19.45 2.14 1.56
C TRP A 474 -18.64 0.82 1.45
N PHE A 475 -19.14 -0.23 2.13
CA PHE A 475 -18.56 -1.60 2.01
C PHE A 475 -18.99 -2.39 0.76
N SER A 476 -20.22 -2.18 0.34
CA SER A 476 -20.79 -2.99 -0.72
C SER A 476 -20.78 -2.32 -2.13
N GLN A 477 -20.77 -0.99 -2.21
CA GLN A 477 -20.89 -0.31 -3.48
C GLN A 477 -19.54 0.09 -4.06
N SER A 478 -19.26 -0.33 -5.27
CA SER A 478 -18.01 -0.03 -5.97
C SER A 478 -18.18 1.31 -6.66
N GLY A 479 -17.03 1.83 -7.03
CA GLY A 479 -16.93 3.07 -7.80
C GLY A 479 -16.66 4.25 -6.91
N THR A 480 -16.17 5.31 -7.54
CA THR A 480 -15.89 6.53 -6.84
C THR A 480 -17.10 7.50 -7.00
N PRO A 481 -17.68 8.01 -5.88
CA PRO A 481 -18.68 9.04 -6.06
C PRO A 481 -18.09 10.39 -6.61
N HIS A 482 -18.89 11.08 -7.41
CA HIS A 482 -18.64 12.45 -7.95
C HIS A 482 -19.55 13.39 -7.13
N VAL A 483 -18.95 14.36 -6.45
CA VAL A 483 -19.68 15.33 -5.69
C VAL A 483 -19.49 16.70 -6.31
N SER A 484 -20.59 17.38 -6.65
CA SER A 484 -20.61 18.65 -7.38
C SER A 484 -21.41 19.69 -6.59
N PHE A 485 -21.10 20.95 -6.84
CA PHE A 485 -21.56 22.03 -5.98
C PHE A 485 -22.08 23.19 -6.81
N LYS A 486 -23.09 23.89 -6.28
CA LYS A 486 -23.50 25.14 -6.82
C LYS A 486 -23.67 26.08 -5.62
N TYR A 487 -23.39 27.38 -5.80
CA TYR A 487 -23.43 28.33 -4.63
C TYR A 487 -24.39 29.49 -4.89
N ASN A 488 -24.99 30.03 -3.86
CA ASN A 488 -25.68 31.27 -3.99
C ASN A 488 -25.54 32.13 -2.73
N TYR A 489 -25.38 33.44 -2.93
CA TYR A 489 -25.22 34.38 -1.83
C TYR A 489 -26.28 35.52 -1.91
N ASP A 490 -26.97 35.78 -0.82
CA ASP A 490 -27.93 36.86 -0.78
C ASP A 490 -27.36 37.91 0.21
N ALA A 491 -26.86 39.01 -0.38
CA ALA A 491 -26.16 40.09 0.38
C ALA A 491 -27.09 40.79 1.39
N GLU A 492 -28.36 40.98 1.02
CA GLU A 492 -29.33 41.63 1.90
C GLU A 492 -29.56 40.79 3.17
N LYS A 493 -29.73 39.49 2.98
CA LYS A 493 -29.98 38.59 4.11
C LYS A 493 -28.70 38.08 4.77
N LYS A 494 -27.54 38.29 4.15
CA LYS A 494 -26.28 37.72 4.66
C LYS A 494 -26.39 36.20 4.82
N GLN A 495 -26.86 35.54 3.74
CA GLN A 495 -27.22 34.14 3.78
C GLN A 495 -26.65 33.48 2.51
N TYR A 496 -26.00 32.34 2.72
CA TYR A 496 -25.21 31.64 1.72
C TYR A 496 -25.64 30.18 1.72
N SER A 497 -25.78 29.64 0.53
CA SER A 497 -26.21 28.28 0.36
C SER A 497 -25.23 27.53 -0.55
N ILE A 498 -25.01 26.27 -0.19
CA ILE A 498 -24.17 25.35 -0.91
C ILE A 498 -25.11 24.23 -1.26
N HIS A 499 -25.35 24.02 -2.55
CA HIS A 499 -26.19 22.96 -3.02
C HIS A 499 -25.27 21.84 -3.52
N VAL A 500 -25.49 20.60 -3.11
CA VAL A 500 -24.54 19.52 -3.29
C VAL A 500 -25.26 18.37 -3.97
N ASN A 501 -24.61 17.78 -4.97
CA ASN A 501 -25.08 16.60 -5.63
C ASN A 501 -24.01 15.49 -5.55
N GLN A 502 -24.44 14.24 -5.44
CA GLN A 502 -23.58 13.04 -5.55
C GLN A 502 -24.08 12.08 -6.62
N TYR A 503 -23.13 11.49 -7.30
CA TYR A 503 -23.39 10.55 -8.40
C TYR A 503 -22.28 9.52 -8.40
N THR A 504 -22.61 8.24 -8.43
CA THR A 504 -21.66 7.20 -8.71
C THR A 504 -22.10 6.53 -10.03
N LYS A 505 -21.16 6.36 -10.95
CA LYS A 505 -21.44 5.76 -12.26
C LYS A 505 -21.80 4.27 -12.10
N PRO A 506 -22.88 3.83 -12.77
CA PRO A 506 -23.18 2.41 -12.76
C PRO A 506 -22.01 1.57 -13.31
N ASP A 507 -21.88 0.35 -12.84
CA ASP A 507 -20.80 -0.50 -13.28
C ASP A 507 -21.24 -1.95 -13.20
N GLU A 508 -20.31 -2.87 -13.43
CA GLU A 508 -20.60 -4.31 -13.37
C GLU A 508 -20.97 -4.82 -12.01
N ASN A 509 -20.68 -4.09 -10.93
CA ASN A 509 -21.11 -4.52 -9.61
C ASN A 509 -22.52 -4.13 -9.23
N GLN A 510 -22.98 -2.93 -9.65
CA GLN A 510 -24.33 -2.46 -9.39
C GLN A 510 -24.77 -1.70 -10.60
N LYS A 511 -25.86 -2.12 -11.21
CA LYS A 511 -26.36 -1.33 -12.35
C LYS A 511 -27.14 -0.12 -11.88
N GLU A 512 -27.62 -0.12 -10.63
CA GLU A 512 -28.25 1.06 -10.00
C GLU A 512 -27.44 1.44 -8.76
N LYS A 513 -26.98 2.67 -8.65
CA LYS A 513 -26.10 3.03 -7.51
C LYS A 513 -26.92 3.84 -6.58
N LYS A 514 -26.63 3.73 -5.30
CA LYS A 514 -27.42 4.38 -4.29
C LYS A 514 -26.58 5.53 -3.65
N PRO A 515 -27.27 6.53 -3.12
CA PRO A 515 -26.52 7.59 -2.42
C PRO A 515 -25.84 7.12 -1.17
N LEU A 516 -24.60 7.58 -0.95
CA LEU A 516 -23.85 7.29 0.25
C LEU A 516 -24.01 8.34 1.35
N PHE A 517 -23.57 7.99 2.55
CA PHE A 517 -23.38 8.96 3.65
C PHE A 517 -22.01 9.59 3.48
N ILE A 518 -21.99 10.83 2.98
CA ILE A 518 -20.75 11.55 2.60
C ILE A 518 -20.58 12.71 3.58
N PRO A 519 -19.53 12.66 4.45
CA PRO A 519 -19.22 13.76 5.35
C PRO A 519 -18.37 14.78 4.63
N ILE A 520 -18.84 16.04 4.57
CA ILE A 520 -18.15 17.10 3.85
C ILE A 520 -17.65 18.17 4.78
N SER A 521 -16.35 18.16 5.09
CA SER A 521 -15.77 19.11 6.04
CA SER A 521 -15.79 19.11 6.04
C SER A 521 -15.59 20.41 5.26
N VAL A 522 -16.10 21.51 5.82
CA VAL A 522 -16.19 22.78 5.10
C VAL A 522 -15.71 23.94 5.96
N GLY A 523 -15.12 24.90 5.30
CA GLY A 523 -14.95 26.24 5.80
C GLY A 523 -15.35 27.26 4.77
N LEU A 524 -15.41 28.51 5.19
CA LEU A 524 -15.77 29.59 4.28
C LEU A 524 -14.75 30.71 4.45
N ILE A 525 -14.09 31.07 3.32
CA ILE A 525 -13.02 32.07 3.30
C ILE A 525 -13.57 33.42 2.75
N ASN A 526 -13.31 34.50 3.49
CA ASN A 526 -13.59 35.83 3.00
C ASN A 526 -12.57 36.22 1.90
N PRO A 527 -13.03 36.41 0.64
CA PRO A 527 -12.05 36.63 -0.44
C PRO A 527 -11.36 37.96 -0.36
N GLU A 528 -11.97 38.89 0.33
CA GLU A 528 -11.42 40.23 0.42
C GLU A 528 -10.15 40.26 1.37
N ASN A 529 -10.22 39.59 2.50
CA ASN A 529 -9.13 39.55 3.47
C ASN A 529 -8.47 38.19 3.67
N GLY A 530 -8.99 37.15 3.02
CA GLY A 530 -8.48 35.82 3.22
C GLY A 530 -8.75 35.13 4.53
N LYS A 531 -9.65 35.61 5.36
CA LYS A 531 -9.90 34.97 6.68
C LYS A 531 -11.07 34.03 6.72
N GLU A 532 -11.08 33.21 7.75
CA GLU A 532 -12.15 32.25 8.06
C GLU A 532 -13.42 32.94 8.46
N MET A 533 -14.55 32.50 7.95
CA MET A 533 -15.80 33.11 8.25
C MET A 533 -16.68 32.26 9.17
N ILE A 534 -16.54 30.94 9.21
CA ILE A 534 -17.36 30.09 10.13
C ILE A 534 -16.43 29.13 10.91
N SER A 535 -16.87 28.69 12.07
CA SER A 535 -16.24 27.54 12.75
C SER A 535 -16.29 26.36 11.81
N GLN A 536 -15.29 25.52 11.79
CA GLN A 536 -15.33 24.48 10.80
C GLN A 536 -16.46 23.48 11.13
N THR A 537 -17.12 22.98 10.12
CA THR A 537 -18.34 22.22 10.29
C THR A 537 -18.22 21.04 9.33
N THR A 538 -18.87 19.94 9.68
CA THR A 538 -19.03 18.81 8.76
C THR A 538 -20.46 18.66 8.33
N LEU A 539 -20.71 18.85 7.05
CA LEU A 539 -22.03 18.63 6.44
C LEU A 539 -22.25 17.14 6.23
N GLU A 540 -23.43 16.64 6.59
CA GLU A 540 -23.69 15.18 6.48
C GLU A 540 -24.61 15.03 5.27
N LEU A 541 -24.05 14.80 4.11
CA LEU A 541 -24.87 14.53 2.98
C LEU A 541 -25.35 13.04 2.98
N THR A 542 -26.67 12.82 2.94
CA THR A 542 -27.17 11.49 2.87
C THR A 542 -28.07 11.26 1.68
N LYS A 543 -28.54 12.29 1.05
CA LYS A 543 -29.38 12.17 -0.12
C LYS A 543 -28.54 12.31 -1.38
N GLU A 544 -29.19 12.04 -2.51
CA GLU A 544 -28.63 12.33 -3.79
C GLU A 544 -28.23 13.77 -3.94
N SER A 545 -29.04 14.63 -3.37
CA SER A 545 -28.67 16.07 -3.30
C SER A 545 -29.36 16.75 -2.14
N ASP A 546 -28.78 17.86 -1.73
CA ASP A 546 -29.22 18.60 -0.55
C ASP A 546 -28.65 19.96 -0.66
N THR A 547 -29.30 20.95 -0.01
CA THR A 547 -28.81 22.31 0.04
C THR A 547 -28.59 22.65 1.51
N PHE A 548 -27.41 23.14 1.79
CA PHE A 548 -26.99 23.57 3.14
C PHE A 548 -26.88 25.08 3.19
N VAL A 549 -27.56 25.70 4.16
CA VAL A 549 -27.68 27.18 4.17
C VAL A 549 -27.03 27.67 5.48
N PHE A 550 -26.35 28.79 5.39
CA PHE A 550 -25.59 29.39 6.47
C PHE A 550 -26.09 30.82 6.62
N ASN A 551 -26.43 31.21 7.84
CA ASN A 551 -26.77 32.61 8.17
C ASN A 551 -25.59 33.40 8.71
N ASN A 552 -25.73 34.73 8.73
CA ASN A 552 -24.68 35.68 9.24
C ASN A 552 -23.37 35.52 8.48
N ILE A 553 -23.50 35.44 7.15
CA ILE A 553 -22.34 35.35 6.32
C ILE A 553 -22.24 36.72 5.70
N ALA A 554 -21.23 37.48 6.12
CA ALA A 554 -21.22 38.92 5.95
C ALA A 554 -20.81 39.40 4.58
N VAL A 555 -20.08 38.60 3.79
CA VAL A 555 -19.79 38.91 2.37
C VAL A 555 -19.86 37.59 1.67
N LYS A 556 -19.92 37.63 0.36
CA LYS A 556 -19.93 36.43 -0.44
C LYS A 556 -18.62 35.63 -0.22
N PRO A 557 -18.71 34.39 0.26
CA PRO A 557 -17.48 33.67 0.57
C PRO A 557 -16.92 32.90 -0.61
N ILE A 558 -15.70 32.38 -0.43
CA ILE A 558 -15.18 31.28 -1.24
C ILE A 558 -15.24 30.04 -0.35
N PRO A 559 -15.95 28.98 -0.79
CA PRO A 559 -16.11 27.77 0.04
C PRO A 559 -14.80 26.96 0.04
N SER A 560 -14.44 26.41 1.20
CA SER A 560 -13.28 25.51 1.32
C SER A 560 -13.85 24.14 1.60
N LEU A 561 -13.92 23.31 0.54
CA LEU A 561 -14.68 22.06 0.52
C LEU A 561 -13.86 20.79 0.69
N PHE A 562 -14.39 19.86 1.48
CA PHE A 562 -13.76 18.56 1.70
C PHE A 562 -12.38 18.73 2.32
N ARG A 563 -12.34 19.54 3.36
CA ARG A 563 -11.13 19.76 4.10
C ARG A 563 -10.60 18.47 4.64
N GLY A 564 -9.29 18.32 4.54
CA GLY A 564 -8.62 17.11 4.91
C GLY A 564 -8.83 15.98 3.93
N PHE A 565 -9.54 16.28 2.81
CA PHE A 565 -10.09 15.21 1.90
C PHE A 565 -11.01 14.29 2.67
N SER A 566 -12.16 14.84 3.03
CA SER A 566 -13.07 14.24 4.02
C SER A 566 -13.87 13.10 3.54
N ALA A 567 -13.89 12.77 2.24
CA ALA A 567 -14.48 11.54 1.76
C ALA A 567 -13.78 11.18 0.46
N PRO A 568 -13.73 9.89 0.10
CA PRO A 568 -13.02 9.43 -1.06
C PRO A 568 -13.89 9.58 -2.35
N VAL A 569 -13.87 10.81 -2.88
CA VAL A 569 -14.77 11.18 -3.98
C VAL A 569 -14.03 12.07 -5.03
N TYR A 570 -14.58 12.16 -6.25
CA TYR A 570 -14.19 13.16 -7.24
C TYR A 570 -14.93 14.46 -6.83
N ILE A 571 -14.18 15.50 -6.64
CA ILE A 571 -14.73 16.79 -6.23
C ILE A 571 -14.81 17.64 -7.48
N GLU A 572 -15.99 18.19 -7.73
CA GLU A 572 -16.19 19.21 -8.74
C GLU A 572 -16.56 20.53 -8.05
N ASP A 573 -15.57 21.35 -7.79
CA ASP A 573 -15.75 22.51 -6.92
C ASP A 573 -16.53 23.66 -7.58
N ASN A 574 -16.65 23.64 -8.92
CA ASN A 574 -17.36 24.71 -9.62
C ASN A 574 -16.85 26.10 -9.30
N LEU A 575 -15.56 26.25 -8.99
CA LEU A 575 -14.96 27.55 -8.62
C LEU A 575 -14.27 28.07 -9.85
N THR A 576 -14.13 29.38 -9.98
CA THR A 576 -13.24 29.91 -11.03
C THR A 576 -11.77 29.70 -10.63
N ASP A 577 -10.89 29.88 -11.62
CA ASP A 577 -9.47 29.88 -11.31
C ASP A 577 -9.11 31.04 -10.39
N GLU A 578 -9.83 32.16 -10.49
CA GLU A 578 -9.55 33.30 -9.59
C GLU A 578 -9.85 32.94 -8.13
N GLU A 579 -10.99 32.25 -7.92
CA GLU A 579 -11.36 31.76 -6.58
C GLU A 579 -10.39 30.69 -6.13
N ARG A 580 -10.02 29.77 -7.01
CA ARG A 580 -9.06 28.72 -6.62
C ARG A 580 -7.67 29.28 -6.20
N ILE A 581 -7.21 30.31 -6.91
CA ILE A 581 -5.95 30.95 -6.54
C ILE A 581 -6.06 31.53 -5.13
N LEU A 582 -7.18 32.15 -4.80
CA LEU A 582 -7.34 32.77 -3.48
C LEU A 582 -7.34 31.75 -2.39
N LEU A 583 -7.91 30.55 -2.63
CA LEU A 583 -7.85 29.46 -1.66
C LEU A 583 -6.38 29.00 -1.54
N LEU A 584 -5.75 28.80 -2.71
CA LEU A 584 -4.34 28.38 -2.74
C LEU A 584 -3.49 29.25 -1.84
N LYS A 585 -3.65 30.56 -1.99
CA LYS A 585 -2.89 31.52 -1.18
C LYS A 585 -3.30 31.60 0.29
N TYR A 586 -4.60 31.70 0.60
CA TYR A 586 -5.08 32.06 1.92
C TYR A 586 -5.87 31.05 2.73
N ASP A 587 -6.30 29.92 2.13
CA ASP A 587 -7.07 28.92 2.92
C ASP A 587 -6.20 28.30 4.01
N SER A 588 -6.80 27.84 5.13
CA SER A 588 -6.02 27.19 6.21
C SER A 588 -5.72 25.72 5.93
N ASP A 589 -6.60 25.06 5.18
CA ASP A 589 -6.53 23.61 5.00
C ASP A 589 -5.58 23.27 3.87
N ALA A 590 -4.56 22.49 4.19
CA ALA A 590 -3.58 22.11 3.23
C ALA A 590 -4.18 21.31 2.03
N PHE A 591 -5.08 20.37 2.31
CA PHE A 591 -5.72 19.62 1.22
C PHE A 591 -6.46 20.56 0.26
N VAL A 592 -7.29 21.46 0.79
CA VAL A 592 -8.04 22.30 -0.15
C VAL A 592 -7.09 23.22 -0.94
N ARG A 593 -6.03 23.71 -0.33
CA ARG A 593 -5.08 24.52 -1.09
C ARG A 593 -4.46 23.71 -2.23
N TYR A 594 -4.03 22.52 -1.88
CA TYR A 594 -3.41 21.59 -2.85
C TYR A 594 -4.44 21.19 -3.91
N ASN A 595 -5.68 20.91 -3.50
CA ASN A 595 -6.74 20.57 -4.46
C ASN A 595 -7.11 21.70 -5.41
N SER A 596 -7.18 22.93 -4.88
CA SER A 596 -7.41 24.13 -5.72
C SER A 596 -6.34 24.25 -6.77
N CYS A 597 -5.06 24.04 -6.38
CA CYS A 597 -3.96 23.97 -7.36
C CYS A 597 -4.15 22.84 -8.40
N THR A 598 -4.50 21.65 -7.91
CA THR A 598 -4.74 20.53 -8.76
C THR A 598 -5.78 20.84 -9.79
N ASN A 599 -6.85 21.50 -9.36
CA ASN A 599 -7.96 21.76 -10.27
C ASN A 599 -7.56 22.78 -11.33
N ILE A 600 -6.75 23.78 -10.96
CA ILE A 600 -6.25 24.77 -11.95
C ILE A 600 -5.39 24.05 -13.02
N TYR A 601 -4.49 23.18 -12.58
CA TYR A 601 -3.73 22.36 -13.50
C TYR A 601 -4.59 21.49 -14.37
N MET A 602 -5.57 20.76 -13.79
CA MET A 602 -6.39 19.89 -14.63
C MET A 602 -7.14 20.67 -15.70
N LYS A 603 -7.73 21.82 -15.37
CA LYS A 603 -8.44 22.63 -16.37
C LYS A 603 -7.51 22.98 -17.54
N GLN A 604 -6.27 23.38 -17.21
CA GLN A 604 -5.27 23.76 -18.20
C GLN A 604 -4.90 22.51 -19.00
N ILE A 605 -4.62 21.39 -18.32
CA ILE A 605 -4.21 20.10 -18.99
C ILE A 605 -5.29 19.63 -19.97
N LEU A 606 -6.54 19.59 -19.51
CA LEU A 606 -7.65 19.18 -20.38
C LEU A 606 -7.74 20.11 -21.62
N MET A 607 -7.62 21.41 -21.38
CA MET A 607 -7.74 22.39 -22.49
C MET A 607 -6.61 22.23 -23.53
N ASN A 608 -5.39 22.15 -23.06
CA ASN A 608 -4.22 22.04 -23.93
C ASN A 608 -4.22 20.69 -24.60
N TYR A 609 -4.58 19.65 -23.83
CA TYR A 609 -4.68 18.26 -24.42
C TYR A 609 -5.63 18.26 -25.65
N ASN A 610 -6.80 18.91 -25.48
CA ASN A 610 -7.80 18.97 -26.51
C ASN A 610 -7.26 19.76 -27.72
N GLU A 611 -6.58 20.85 -27.45
CA GLU A 611 -5.97 21.68 -28.49
C GLU A 611 -4.94 20.94 -29.30
N PHE A 612 -4.02 20.27 -28.65
CA PHE A 612 -3.02 19.45 -29.35
C PHE A 612 -3.68 18.27 -30.09
N LEU A 613 -4.67 17.68 -29.46
CA LEU A 613 -5.31 16.47 -30.05
C LEU A 613 -6.06 16.82 -31.34
N LYS A 614 -6.79 17.93 -31.31
CA LYS A 614 -7.46 18.40 -32.53
C LYS A 614 -6.49 18.75 -33.65
N ALA A 615 -5.39 19.36 -33.27
CA ALA A 615 -4.38 19.74 -34.26
C ALA A 615 -3.71 18.52 -34.89
N LYS A 616 -3.44 17.52 -34.07
CA LYS A 616 -2.96 16.23 -34.56
C LYS A 616 -3.98 15.54 -35.47
N ASN A 617 -5.22 15.41 -35.02
CA ASN A 617 -6.22 14.61 -35.80
C ASN A 617 -6.62 15.34 -37.06
N GLU A 618 -6.73 16.68 -36.97
CA GLU A 618 -7.09 17.46 -38.17
C GLU A 618 -5.89 17.76 -39.11
N LYS A 619 -4.66 17.35 -38.74
CA LYS A 619 -3.41 17.65 -39.45
C LYS A 619 -3.23 19.14 -39.74
N LEU A 620 -3.48 19.99 -38.74
CA LEU A 620 -3.40 21.46 -38.89
C LEU A 620 -1.94 21.94 -39.12
N GLU A 621 -1.78 22.98 -39.93
CA GLU A 621 -0.45 23.54 -40.12
C GLU A 621 -0.13 24.53 -39.00
N SER A 622 -1.16 24.99 -38.29
CA SER A 622 -0.96 25.96 -37.22
C SER A 622 -2.22 25.97 -36.33
N PHE A 623 -2.06 26.36 -35.08
CA PHE A 623 -3.19 26.32 -34.11
C PHE A 623 -2.77 27.09 -32.88
N ASN A 624 -3.68 27.33 -31.96
CA ASN A 624 -3.32 28.00 -30.71
C ASN A 624 -3.33 27.06 -29.52
N LEU A 625 -2.55 27.40 -28.48
CA LEU A 625 -2.65 26.83 -27.19
C LEU A 625 -3.05 27.92 -26.18
N THR A 626 -3.85 27.54 -25.19
CA THR A 626 -4.30 28.43 -24.16
C THR A 626 -3.14 28.52 -23.16
N PRO A 627 -2.60 29.71 -22.98
CA PRO A 627 -1.49 29.86 -22.02
C PRO A 627 -1.89 29.47 -20.61
N VAL A 628 -0.90 29.12 -19.78
CA VAL A 628 -1.14 28.92 -18.32
C VAL A 628 -1.53 30.22 -17.68
N ASN A 629 -2.46 30.23 -16.76
CA ASN A 629 -2.95 31.45 -16.11
C ASN A 629 -1.84 32.20 -15.34
N ALA A 630 -1.72 33.52 -15.63
CA ALA A 630 -0.55 34.28 -15.29
C ALA A 630 -0.67 34.64 -13.77
N GLN A 631 -1.88 34.79 -13.30
CA GLN A 631 -2.19 35.02 -11.86
C GLN A 631 -1.88 33.75 -11.03
N PHE A 632 -2.12 32.58 -11.59
CA PHE A 632 -1.68 31.34 -11.00
C PHE A 632 -0.15 31.25 -10.85
N ILE A 633 0.55 31.55 -11.94
CA ILE A 633 2.01 31.52 -11.89
C ILE A 633 2.47 32.49 -10.76
N ASP A 634 1.87 33.70 -10.72
CA ASP A 634 2.24 34.72 -9.67
C ASP A 634 2.03 34.12 -8.29
N ALA A 635 0.92 33.39 -8.12
CA ALA A 635 0.60 32.78 -6.83
C ALA A 635 1.64 31.69 -6.46
N ILE A 636 2.06 30.91 -7.43
CA ILE A 636 3.14 29.95 -7.20
C ILE A 636 4.43 30.64 -6.72
N LYS A 637 4.84 31.70 -7.39
CA LYS A 637 6.02 32.48 -6.96
C LYS A 637 5.87 32.98 -5.52
N TYR A 638 4.70 33.53 -5.21
CA TYR A 638 4.43 34.13 -3.87
C TYR A 638 4.57 33.08 -2.80
N LEU A 639 3.93 31.93 -3.00
CA LEU A 639 4.14 30.77 -2.10
C LEU A 639 5.60 30.31 -1.98
N LEU A 640 6.31 30.15 -3.12
CA LEU A 640 7.69 29.66 -3.08
C LEU A 640 8.57 30.64 -2.26
N GLU A 641 8.39 31.93 -2.51
CA GLU A 641 9.16 32.98 -1.84
C GLU A 641 8.78 33.24 -0.39
N ASP A 642 7.73 32.63 0.09
CA ASP A 642 7.35 32.79 1.47
C ASP A 642 8.20 31.86 2.39
N PRO A 643 9.18 32.44 3.16
CA PRO A 643 10.04 31.58 3.99
C PRO A 643 9.30 30.78 5.05
N HIS A 644 8.12 31.23 5.42
CA HIS A 644 7.35 30.58 6.46
C HIS A 644 6.30 29.60 5.95
N ALA A 645 6.16 29.40 4.63
CA ALA A 645 5.33 28.31 4.07
C ALA A 645 6.13 27.00 4.01
N ASP A 646 5.47 25.89 3.78
CA ASP A 646 6.02 24.58 4.02
C ASP A 646 6.74 24.00 2.79
N ALA A 647 7.94 23.49 2.97
CA ALA A 647 8.74 23.02 1.85
C ALA A 647 8.12 21.87 1.12
N GLY A 648 7.57 20.94 1.88
CA GLY A 648 6.85 19.80 1.33
C GLY A 648 5.64 20.25 0.50
N PHE A 649 4.85 21.15 1.06
CA PHE A 649 3.69 21.69 0.31
C PHE A 649 4.18 22.31 -1.04
N LYS A 650 5.29 23.04 -1.00
CA LYS A 650 5.86 23.70 -2.16
C LYS A 650 6.15 22.69 -3.26
N SER A 651 6.64 21.50 -2.90
CA SER A 651 7.04 20.54 -3.96
C SER A 651 5.81 20.01 -4.69
N TYR A 652 4.68 19.99 -4.01
CA TYR A 652 3.44 19.58 -4.62
C TYR A 652 2.92 20.66 -5.61
N ILE A 653 3.06 21.95 -5.27
CA ILE A 653 2.51 23.03 -6.14
C ILE A 653 3.30 23.28 -7.48
N VAL A 654 4.61 22.97 -7.51
CA VAL A 654 5.43 23.08 -8.75
C VAL A 654 5.36 21.83 -9.59
N SER A 655 4.73 20.77 -9.07
CA SER A 655 4.51 19.54 -9.86
C SER A 655 3.12 19.45 -10.47
N LEU A 656 3.02 19.01 -11.73
CA LEU A 656 1.70 18.73 -12.26
C LEU A 656 1.12 17.46 -11.58
N PRO A 657 -0.18 17.30 -11.64
CA PRO A 657 -0.83 16.07 -11.19
C PRO A 657 -0.24 14.84 -11.86
N GLN A 658 -0.19 13.76 -11.10
CA GLN A 658 0.36 12.49 -11.59
C GLN A 658 -0.38 12.02 -12.82
N ASP A 659 0.32 11.29 -13.69
CA ASP A 659 -0.32 10.84 -14.87
C ASP A 659 -1.56 9.99 -14.62
N ARG A 660 -1.49 9.09 -13.63
CA ARG A 660 -2.68 8.25 -13.30
C ARG A 660 -3.87 9.08 -12.81
N TYR A 661 -3.62 10.19 -12.11
CA TYR A 661 -4.74 11.09 -11.76
C TYR A 661 -5.34 11.69 -13.03
N ILE A 662 -4.47 12.24 -13.91
CA ILE A 662 -4.91 12.89 -15.16
C ILE A 662 -5.77 11.92 -16.02
N ILE A 663 -5.35 10.65 -16.13
CA ILE A 663 -6.04 9.67 -17.01
C ILE A 663 -7.48 9.36 -16.59
N ASN A 664 -7.80 9.56 -15.31
CA ASN A 664 -9.15 9.32 -14.82
C ASN A 664 -10.11 10.32 -15.47
N PHE A 665 -9.60 11.44 -16.06
CA PHE A 665 -10.44 12.47 -16.62
C PHE A 665 -10.42 12.44 -18.14
N VAL A 666 -9.75 11.49 -18.77
CA VAL A 666 -9.68 11.47 -20.24
C VAL A 666 -10.05 10.08 -20.78
N SER A 667 -10.95 10.05 -21.75
CA SER A 667 -11.26 8.82 -22.56
CA SER A 667 -11.16 8.80 -22.53
C SER A 667 -10.48 8.86 -23.86
N ASN A 668 -10.07 7.70 -24.33
CA ASN A 668 -9.30 7.54 -25.55
C ASN A 668 -7.97 8.31 -25.61
N LEU A 669 -7.28 8.21 -24.50
CA LEU A 669 -6.11 9.01 -24.24
C LEU A 669 -4.97 8.71 -25.18
N ASP A 670 -4.55 9.72 -25.92
CA ASP A 670 -3.29 9.68 -26.66
C ASP A 670 -2.19 10.15 -25.67
N THR A 671 -1.36 9.21 -25.26
CA THR A 671 -0.32 9.40 -24.33
C THR A 671 0.73 10.37 -24.80
N ASP A 672 0.95 10.38 -26.09
CA ASP A 672 1.93 11.23 -26.73
C ASP A 672 1.50 12.70 -26.70
N VAL A 673 0.21 12.93 -27.00
CA VAL A 673 -0.40 14.24 -26.82
C VAL A 673 -0.39 14.71 -25.35
N LEU A 674 -0.67 13.78 -24.44
CA LEU A 674 -0.58 14.14 -23.04
C LEU A 674 0.87 14.50 -22.67
N ALA A 675 1.85 13.77 -23.14
CA ALA A 675 3.25 14.09 -22.83
C ALA A 675 3.60 15.49 -23.40
N ASP A 676 3.15 15.78 -24.61
CA ASP A 676 3.33 17.12 -25.17
C ASP A 676 2.66 18.21 -24.37
N THR A 677 1.46 17.94 -23.86
CA THR A 677 0.73 18.87 -23.03
C THR A 677 1.49 19.22 -21.74
N LYS A 678 1.90 18.18 -21.02
CA LYS A 678 2.70 18.38 -19.79
C LYS A 678 3.93 19.22 -20.07
N GLU A 679 4.67 18.91 -21.13
CA GLU A 679 5.90 19.68 -21.47
C GLU A 679 5.64 21.15 -21.74
N TYR A 680 4.56 21.45 -22.44
CA TYR A 680 4.18 22.82 -22.72
C TYR A 680 3.86 23.58 -21.44
N ILE A 681 3.09 22.96 -20.58
CA ILE A 681 2.70 23.59 -19.30
C ILE A 681 3.91 23.86 -18.43
N TYR A 682 4.72 22.82 -18.23
CA TYR A 682 5.97 23.00 -17.46
C TYR A 682 6.85 24.11 -18.04
N LYS A 683 6.94 24.16 -19.35
CA LYS A 683 7.78 25.18 -20.02
C LYS A 683 7.23 26.57 -19.85
N GLN A 684 5.94 26.77 -20.01
CA GLN A 684 5.28 28.04 -19.72
C GLN A 684 5.62 28.53 -18.30
N ILE A 685 5.49 27.66 -17.33
CA ILE A 685 5.73 28.09 -15.95
C ILE A 685 7.23 28.39 -15.72
N GLY A 686 8.13 27.51 -16.21
CA GLY A 686 9.56 27.69 -16.02
C GLY A 686 10.07 28.97 -16.69
N ASP A 687 9.53 29.30 -17.87
CA ASP A 687 9.91 30.53 -18.58
C ASP A 687 9.61 31.76 -17.71
N LYS A 688 8.67 31.64 -16.77
CA LYS A 688 8.45 32.72 -15.79
C LYS A 688 9.20 32.56 -14.49
N LEU A 689 9.40 31.35 -13.98
CA LEU A 689 9.83 31.11 -12.62
C LEU A 689 11.20 30.47 -12.47
N ASN A 690 11.90 30.11 -13.53
CA ASN A 690 13.16 29.46 -13.35
C ASN A 690 14.19 30.20 -12.49
N ASP A 691 14.28 31.52 -12.58
CA ASP A 691 15.19 32.26 -11.70
C ASP A 691 14.79 32.14 -10.23
N VAL A 692 13.48 32.16 -9.96
CA VAL A 692 12.98 31.94 -8.60
C VAL A 692 13.41 30.50 -8.16
N TYR A 693 13.15 29.51 -9.01
CA TYR A 693 13.54 28.12 -8.73
C TYR A 693 15.04 27.98 -8.38
N TYR A 694 15.90 28.59 -9.19
CA TYR A 694 17.32 28.55 -8.97
C TYR A 694 17.69 29.22 -7.62
N LYS A 695 17.20 30.43 -7.40
CA LYS A 695 17.46 31.15 -6.19
C LYS A 695 17.00 30.33 -4.99
N MET A 696 15.82 29.74 -5.01
CA MET A 696 15.42 28.86 -3.91
C MET A 696 16.24 27.58 -3.75
N PHE A 697 16.64 26.97 -4.86
CA PHE A 697 17.46 25.81 -4.83
C PHE A 697 18.77 26.14 -4.09
N LYS A 698 19.34 27.33 -4.34
CA LYS A 698 20.56 27.73 -3.60
C LYS A 698 20.31 28.13 -2.14
N SER A 699 19.30 28.93 -1.90
CA SER A 699 19.02 29.36 -0.55
C SER A 699 18.60 28.24 0.39
N LEU A 700 17.99 27.15 -0.13
CA LEU A 700 17.58 26.00 0.72
C LEU A 700 18.72 25.10 1.13
N GLU A 701 19.89 25.22 0.44
CA GLU A 701 21.01 24.33 0.66
C GLU A 701 21.40 24.16 2.14
N ALA A 702 21.59 25.28 2.88
CA ALA A 702 22.26 25.22 4.21
C ALA A 702 21.41 24.35 5.12
N LYS A 703 20.12 24.74 5.21
CA LYS A 703 19.14 24.00 6.04
C LYS A 703 18.80 22.64 5.54
N ALA A 704 18.63 22.49 4.24
CA ALA A 704 18.27 21.16 3.70
C ALA A 704 19.31 20.07 3.98
N ASP A 705 20.56 20.42 3.82
CA ASP A 705 21.59 19.39 3.85
C ASP A 705 22.40 19.51 5.17
N ASP A 706 21.92 20.29 6.16
CA ASP A 706 22.50 20.32 7.51
C ASP A 706 22.67 18.87 8.02
N LEU A 707 23.79 18.58 8.66
CA LEU A 707 24.14 17.24 9.11
C LEU A 707 23.73 16.93 10.57
N THR A 708 22.90 17.78 11.15
CA THR A 708 22.38 17.52 12.45
C THR A 708 21.64 16.15 12.36
N TYR A 709 21.92 15.25 13.29
CA TYR A 709 21.27 13.97 13.34
C TYR A 709 21.72 12.99 12.28
N PHE A 710 22.76 13.32 11.50
CA PHE A 710 23.23 12.41 10.47
C PHE A 710 23.79 11.04 11.02
N ASN A 711 24.21 11.01 12.30
CA ASN A 711 24.66 9.83 12.96
C ASN A 711 23.66 9.25 13.90
N ASP A 712 22.43 9.77 13.92
CA ASP A 712 21.36 9.39 14.87
C ASP A 712 20.27 8.66 14.06
N GLU A 713 20.28 7.36 14.18
CA GLU A 713 19.32 6.52 13.45
C GLU A 713 18.03 6.41 14.30
N SER A 714 17.91 7.19 15.41
CA SER A 714 16.68 7.17 16.19
C SER A 714 15.81 8.36 15.93
N HIS A 715 16.23 9.26 15.03
CA HIS A 715 15.54 10.56 14.91
C HIS A 715 15.67 11.06 13.51
N VAL A 716 14.55 11.44 12.92
CA VAL A 716 14.52 12.02 11.61
C VAL A 716 13.82 13.37 11.69
N ASP A 717 14.41 14.39 11.08
CA ASP A 717 13.70 15.68 10.86
C ASP A 717 12.94 15.62 9.51
N PHE A 718 11.63 15.41 9.58
CA PHE A 718 10.80 15.28 8.36
C PHE A 718 10.63 16.60 7.59
N ASP A 719 10.66 17.71 8.30
CA ASP A 719 10.70 19.07 7.69
CA ASP A 719 10.61 18.99 7.61
C ASP A 719 11.95 19.25 6.86
N GLN A 720 13.09 18.89 7.42
CA GLN A 720 14.31 18.99 6.65
C GLN A 720 14.30 18.02 5.43
N MET A 721 13.80 16.82 5.63
CA MET A 721 13.67 15.96 4.50
C MET A 721 12.76 16.57 3.42
N ASN A 722 11.65 17.18 3.81
CA ASN A 722 10.83 17.96 2.81
C ASN A 722 11.63 19.05 2.07
N MET A 723 12.57 19.69 2.76
CA MET A 723 13.43 20.68 2.09
C MET A 723 14.31 20.04 1.01
N ARG A 724 14.84 18.85 1.30
CA ARG A 724 15.60 18.14 0.30
C ARG A 724 14.71 17.73 -0.86
N THR A 725 13.48 17.25 -0.57
CA THR A 725 12.55 16.91 -1.63
C THR A 725 12.32 18.09 -2.58
N LEU A 726 12.10 19.28 -2.00
CA LEU A 726 11.88 20.47 -2.75
C LEU A 726 13.10 20.85 -3.56
N ARG A 727 14.29 20.78 -2.99
CA ARG A 727 15.46 21.07 -3.78
C ARG A 727 15.58 20.14 -4.95
N ASN A 728 15.38 18.86 -4.72
CA ASN A 728 15.50 17.90 -5.78
C ASN A 728 14.41 17.96 -6.85
N THR A 729 13.25 18.48 -6.47
CA THR A 729 12.15 18.73 -7.43
C THR A 729 12.56 19.97 -8.29
N LEU A 730 12.96 21.06 -7.63
CA LEU A 730 13.48 22.22 -8.35
C LEU A 730 14.64 21.89 -9.33
N LEU A 731 15.56 21.02 -8.91
CA LEU A 731 16.72 20.67 -9.69
C LEU A 731 16.34 19.94 -10.92
N SER A 732 15.31 19.08 -10.80
CA SER A 732 14.77 18.40 -11.97
C SER A 732 14.17 19.39 -12.99
N LEU A 733 13.38 20.36 -12.51
CA LEU A 733 12.72 21.34 -13.34
C LEU A 733 13.79 22.19 -14.06
N LEU A 734 14.84 22.55 -13.34
CA LEU A 734 15.91 23.40 -13.90
C LEU A 734 16.80 22.63 -14.88
N SER A 735 16.97 21.33 -14.64
CA SER A 735 17.74 20.48 -15.51
C SER A 735 17.05 20.25 -16.82
N LYS A 736 15.81 19.82 -16.77
CA LYS A 736 14.96 19.69 -17.97
C LYS A 736 14.90 20.99 -18.75
N ALA A 737 14.85 22.11 -18.06
CA ALA A 737 14.86 23.42 -18.74
C ALA A 737 16.18 23.80 -19.44
N GLN A 738 17.28 23.07 -19.17
CA GLN A 738 18.66 23.50 -19.52
C GLN A 738 19.00 24.90 -19.03
N TYR A 739 18.58 25.20 -17.82
CA TYR A 739 18.94 26.47 -17.20
C TYR A 739 20.46 26.69 -17.21
N PRO A 740 20.93 27.96 -17.40
CA PRO A 740 22.35 28.19 -17.67
C PRO A 740 23.19 27.67 -16.57
N ASN A 741 24.16 26.85 -16.91
CA ASN A 741 25.21 26.41 -15.97
C ASN A 741 24.71 25.43 -14.88
N ILE A 742 23.52 24.88 -15.08
CA ILE A 742 22.92 23.99 -14.07
C ILE A 742 23.73 22.69 -13.94
N LEU A 743 24.41 22.27 -15.00
CA LEU A 743 25.29 21.10 -14.93
C LEU A 743 26.28 21.23 -13.78
N ASN A 744 26.78 22.42 -13.52
CA ASN A 744 27.69 22.65 -12.42
C ASN A 744 27.07 22.28 -11.09
N GLU A 745 25.84 22.74 -10.87
CA GLU A 745 25.07 22.43 -9.66
C GLU A 745 24.82 20.90 -9.55
N ILE A 746 24.59 20.25 -10.69
CA ILE A 746 24.36 18.80 -10.76
C ILE A 746 25.60 18.02 -10.27
N ILE A 747 26.78 18.46 -10.68
CA ILE A 747 28.03 17.78 -10.32
C ILE A 747 28.31 17.98 -8.84
N GLU A 748 28.14 19.20 -8.35
CA GLU A 748 28.24 19.44 -6.91
C GLU A 748 27.27 18.60 -6.06
N HIS A 749 26.02 18.51 -6.54
CA HIS A 749 24.97 17.73 -5.89
C HIS A 749 25.35 16.27 -5.77
N SER A 750 26.00 15.72 -6.80
CA SER A 750 26.56 14.35 -6.77
C SER A 750 27.60 14.01 -5.66
N LYS A 751 28.09 15.02 -4.95
CA LYS A 751 29.06 14.88 -3.86
C LYS A 751 28.37 14.99 -2.50
N SER A 752 27.06 15.15 -2.48
CA SER A 752 26.39 15.27 -1.21
C SER A 752 26.49 13.94 -0.45
N PRO A 753 26.56 14.01 0.90
CA PRO A 753 26.49 12.77 1.66
C PRO A 753 25.09 12.12 1.70
N TYR A 754 24.04 12.84 1.24
CA TYR A 754 22.71 12.26 1.21
C TYR A 754 22.44 11.49 -0.12
N PRO A 755 22.20 10.16 -0.07
CA PRO A 755 21.86 9.39 -1.32
C PRO A 755 20.63 9.98 -2.03
N SER A 756 19.72 10.60 -1.30
CA SER A 756 18.60 11.31 -1.94
C SER A 756 19.12 12.38 -2.94
N ASN A 757 20.13 13.12 -2.54
CA ASN A 757 20.82 14.06 -3.41
C ASN A 757 21.64 13.44 -4.51
N TRP A 758 22.55 12.54 -4.19
CA TRP A 758 23.43 12.01 -5.24
C TRP A 758 22.75 11.03 -6.20
N LEU A 759 21.69 10.33 -5.80
CA LEU A 759 20.87 9.65 -6.84
C LEU A 759 20.01 10.62 -7.67
N THR A 760 19.52 11.71 -7.07
CA THR A 760 18.82 12.72 -7.88
C THR A 760 19.80 13.27 -8.97
N SER A 761 21.09 13.41 -8.62
CA SER A 761 22.08 13.94 -9.57
C SER A 761 22.11 13.04 -10.76
N LEU A 762 21.95 11.74 -10.57
CA LEU A 762 21.91 10.80 -11.71
C LEU A 762 20.72 11.07 -12.62
N SER A 763 19.56 11.12 -11.99
CA SER A 763 18.24 11.22 -12.66
C SER A 763 18.22 12.51 -13.52
N VAL A 764 18.59 13.61 -12.90
CA VAL A 764 18.59 14.95 -13.58
C VAL A 764 19.71 15.15 -14.62
N SER A 765 20.81 14.39 -14.51
CA SER A 765 21.87 14.39 -15.50
C SER A 765 21.43 13.71 -16.81
N ALA A 766 20.26 13.06 -16.81
CA ALA A 766 19.75 12.48 -18.07
C ALA A 766 19.71 13.45 -19.28
N TYR A 767 19.53 14.74 -19.00
CA TYR A 767 19.41 15.78 -20.03
C TYR A 767 20.77 16.26 -20.56
N PHE A 768 21.87 15.69 -20.06
CA PHE A 768 23.24 16.09 -20.39
C PHE A 768 24.11 14.86 -20.75
N ASP A 769 25.21 15.15 -21.46
CA ASP A 769 26.32 14.24 -21.81
C ASP A 769 26.93 13.50 -20.60
N LYS A 770 26.91 14.16 -19.44
CA LYS A 770 27.47 13.67 -18.18
C LYS A 770 26.74 12.42 -17.64
N TYR A 771 25.57 12.10 -18.18
CA TYR A 771 24.75 10.98 -17.67
C TYR A 771 25.55 9.69 -17.49
N PHE A 772 26.33 9.25 -18.50
CA PHE A 772 27.05 7.98 -18.31
C PHE A 772 28.18 8.02 -17.26
N GLU A 773 28.83 9.16 -17.06
CA GLU A 773 29.82 9.24 -15.98
C GLU A 773 29.12 9.20 -14.63
N LEU A 774 27.98 9.89 -14.49
CA LEU A 774 27.23 9.83 -13.21
C LEU A 774 26.57 8.45 -12.96
N TYR A 775 26.16 7.81 -14.03
CA TYR A 775 25.72 6.39 -13.99
C TYR A 775 26.81 5.49 -13.37
N ASP A 776 28.05 5.66 -13.82
CA ASP A 776 29.21 4.88 -13.28
C ASP A 776 29.52 5.27 -11.86
N LYS A 777 29.54 6.56 -11.59
CA LYS A 777 29.91 7.01 -10.28
C LYS A 777 28.92 6.44 -9.21
N THR A 778 27.65 6.62 -9.47
CA THR A 778 26.61 6.23 -8.50
C THR A 778 26.49 4.71 -8.38
N TYR A 779 26.77 4.01 -9.46
CA TYR A 779 26.82 2.54 -9.44
C TYR A 779 27.82 2.08 -8.47
N LYS A 780 29.03 2.67 -8.55
CA LYS A 780 30.10 2.31 -7.65
C LYS A 780 29.74 2.65 -6.22
N LEU A 781 29.05 3.76 -6.00
CA LEU A 781 28.61 4.06 -4.64
C LEU A 781 27.50 3.08 -4.13
N SER A 782 26.72 2.51 -5.05
CA SER A 782 25.53 1.74 -4.68
C SER A 782 25.76 0.23 -4.61
N LYS A 783 26.75 -0.28 -5.33
CA LYS A 783 26.82 -1.70 -5.65
C LYS A 783 27.09 -2.65 -4.48
N ASP A 784 27.55 -2.16 -3.33
CA ASP A 784 27.92 -3.09 -2.22
C ASP A 784 26.85 -3.12 -1.13
N ASP A 785 25.68 -2.52 -1.37
CA ASP A 785 24.60 -2.55 -0.40
C ASP A 785 23.41 -2.99 -1.22
N GLU A 786 22.81 -4.11 -0.85
CA GLU A 786 21.74 -4.72 -1.68
C GLU A 786 20.53 -3.76 -1.92
N LEU A 787 20.14 -3.03 -0.87
CA LEU A 787 18.97 -2.15 -0.97
C LEU A 787 19.34 -0.83 -1.71
N LEU A 788 20.59 -0.36 -1.55
CA LEU A 788 21.01 0.86 -2.24
C LEU A 788 21.18 0.60 -3.72
N LEU A 789 21.68 -0.58 -4.08
CA LEU A 789 21.68 -0.97 -5.46
C LEU A 789 20.33 -1.03 -6.10
N GLN A 790 19.35 -1.56 -5.40
CA GLN A 790 18.00 -1.53 -5.88
C GLN A 790 17.44 -0.08 -6.07
N GLU A 791 17.77 0.86 -5.19
CA GLU A 791 17.37 2.28 -5.40
C GLU A 791 18.07 2.90 -6.63
N TRP A 792 19.32 2.48 -6.85
CA TRP A 792 20.04 2.85 -8.07
C TRP A 792 19.37 2.32 -9.31
N LEU A 793 18.99 1.07 -9.28
CA LEU A 793 18.27 0.46 -10.39
C LEU A 793 16.99 1.21 -10.72
N LYS A 794 16.24 1.61 -9.69
CA LYS A 794 15.03 2.39 -9.94
C LYS A 794 15.38 3.75 -10.56
N THR A 795 16.45 4.39 -10.07
CA THR A 795 16.87 5.72 -10.54
C THR A 795 17.18 5.69 -12.04
N VAL A 796 17.82 4.61 -12.46
CA VAL A 796 18.13 4.41 -13.87
C VAL A 796 16.83 4.17 -14.61
N SER A 797 16.03 3.24 -14.06
CA SER A 797 14.80 2.84 -14.74
C SER A 797 13.84 4.05 -15.07
N ARG A 798 13.74 4.99 -14.15
CA ARG A 798 12.89 6.13 -14.38
C ARG A 798 13.61 7.34 -15.00
N SER A 799 14.87 7.17 -15.41
CA SER A 799 15.61 8.24 -16.10
C SER A 799 14.96 8.64 -17.42
N ASP A 800 14.84 9.97 -17.63
CA ASP A 800 14.21 10.50 -18.84
C ASP A 800 15.21 10.49 -20.00
N ARG A 801 15.39 9.30 -20.59
CA ARG A 801 16.42 9.02 -21.54
C ARG A 801 15.75 8.59 -22.83
N LYS A 802 16.22 9.12 -23.95
CA LYS A 802 15.75 8.64 -25.26
C LYS A 802 16.21 7.20 -25.53
N ASP A 803 17.36 6.82 -24.98
CA ASP A 803 17.93 5.50 -25.14
C ASP A 803 17.53 4.55 -23.99
N ILE A 804 16.33 4.75 -23.41
CA ILE A 804 15.97 3.96 -22.19
C ILE A 804 15.84 2.48 -22.49
N TYR A 805 15.36 2.10 -23.68
CA TYR A 805 15.33 0.69 -24.00
C TYR A 805 16.73 0.00 -24.02
N GLU A 806 17.71 0.66 -24.58
CA GLU A 806 19.08 0.13 -24.56
C GLU A 806 19.64 0.11 -23.15
N ILE A 807 19.32 1.13 -22.33
CA ILE A 807 19.72 1.13 -20.92
C ILE A 807 19.07 -0.07 -20.16
N LEU A 808 17.80 -0.38 -20.42
CA LEU A 808 17.15 -1.52 -19.75
C LEU A 808 17.81 -2.85 -20.13
N LYS A 809 18.17 -3.02 -21.41
CA LYS A 809 18.95 -4.20 -21.82
C LYS A 809 20.30 -4.24 -21.12
N LYS A 810 20.95 -3.10 -20.92
CA LYS A 810 22.20 -3.13 -20.17
C LYS A 810 21.98 -3.54 -18.69
N LEU A 811 20.90 -3.08 -18.06
CA LEU A 811 20.57 -3.49 -16.68
C LEU A 811 20.34 -5.01 -16.57
N GLU A 812 19.62 -5.53 -17.54
CA GLU A 812 19.27 -6.91 -17.59
C GLU A 812 20.50 -7.75 -17.68
N ASN A 813 21.45 -7.37 -18.53
CA ASN A 813 22.66 -8.18 -18.75
C ASN A 813 23.74 -7.92 -17.76
N GLU A 814 23.89 -6.70 -17.30
CA GLU A 814 25.00 -6.46 -16.39
C GLU A 814 24.63 -6.57 -14.89
N VAL A 815 23.38 -6.34 -14.51
CA VAL A 815 23.04 -6.27 -13.07
C VAL A 815 21.95 -7.20 -12.60
N LEU A 816 20.77 -7.14 -13.24
CA LEU A 816 19.64 -8.02 -12.87
C LEU A 816 19.96 -9.47 -13.13
N LYS A 817 20.46 -9.71 -14.33
CA LYS A 817 20.72 -11.06 -14.78
C LYS A 817 19.53 -11.94 -14.44
N ASP A 818 19.76 -13.08 -13.81
CA ASP A 818 18.72 -14.12 -13.61
CA ASP A 818 18.61 -14.02 -13.65
C ASP A 818 18.06 -13.99 -12.23
N SER A 819 18.25 -12.85 -11.53
CA SER A 819 17.74 -12.72 -10.18
C SER A 819 16.27 -13.11 -10.09
N LYS A 820 15.93 -13.80 -9.01
CA LYS A 820 14.53 -14.09 -8.72
C LYS A 820 14.06 -13.24 -7.52
N ASN A 821 14.87 -12.24 -7.14
CA ASN A 821 14.57 -11.38 -6.02
C ASN A 821 13.50 -10.42 -6.54
N PRO A 822 12.27 -10.54 -6.03
CA PRO A 822 11.25 -9.60 -6.47
C PRO A 822 11.65 -8.10 -6.37
N ASN A 823 12.42 -7.73 -5.37
CA ASN A 823 12.87 -6.36 -5.33
C ASN A 823 13.75 -5.95 -6.51
N ASP A 824 14.62 -6.86 -6.98
CA ASP A 824 15.45 -6.53 -8.15
C ASP A 824 14.59 -6.39 -9.39
N ILE A 825 13.69 -7.35 -9.58
CA ILE A 825 12.81 -7.33 -10.78
C ILE A 825 11.89 -6.10 -10.82
N ARG A 826 11.26 -5.81 -9.67
CA ARG A 826 10.44 -4.63 -9.57
C ARG A 826 11.21 -3.33 -9.76
N ALA A 827 12.46 -3.30 -9.28
CA ALA A 827 13.34 -2.11 -9.41
C ALA A 827 13.66 -1.81 -10.85
N VAL A 828 13.91 -2.84 -11.64
CA VAL A 828 14.30 -2.59 -13.00
C VAL A 828 13.15 -2.10 -13.87
N TYR A 829 11.96 -2.67 -13.67
CA TYR A 829 10.91 -2.55 -14.69
C TYR A 829 9.82 -1.54 -14.31
N LEU A 830 9.40 -1.50 -13.02
CA LEU A 830 8.21 -0.69 -12.70
C LEU A 830 8.41 0.80 -12.90
N PRO A 831 9.57 1.40 -12.52
CA PRO A 831 9.75 2.85 -12.78
C PRO A 831 9.64 3.20 -14.29
N PHE A 832 10.30 2.42 -15.10
CA PHE A 832 10.16 2.55 -16.54
C PHE A 832 8.70 2.58 -17.03
N THR A 833 7.83 1.72 -16.46
CA THR A 833 6.44 1.68 -16.93
C THR A 833 5.71 3.01 -16.63
N ASN A 834 6.26 3.84 -15.75
CA ASN A 834 5.73 5.17 -15.55
C ASN A 834 6.26 6.21 -16.51
N ASN A 835 7.10 5.83 -17.47
CA ASN A 835 7.61 6.80 -18.45
C ASN A 835 6.56 6.91 -19.55
N LEU A 836 5.77 7.97 -19.46
CA LEU A 836 4.61 8.14 -20.37
C LEU A 836 5.01 8.07 -21.83
N ARG A 837 6.01 8.86 -22.22
CA ARG A 837 6.48 8.93 -23.59
C ARG A 837 7.06 7.60 -24.13
N ARG A 838 7.88 6.91 -23.34
CA ARG A 838 8.59 5.72 -23.86
C ARG A 838 7.88 4.39 -23.61
N PHE A 839 7.26 4.22 -22.44
CA PHE A 839 6.58 2.96 -22.17
C PHE A 839 5.41 2.76 -23.15
N HIS A 840 4.71 3.84 -23.50
CA HIS A 840 3.58 3.82 -24.40
C HIS A 840 3.96 4.15 -25.86
N ASP A 841 5.21 3.90 -26.22
CA ASP A 841 5.66 3.93 -27.59
C ASP A 841 4.64 3.27 -28.50
N ILE A 842 4.19 4.02 -29.49
CA ILE A 842 3.18 3.57 -30.43
C ILE A 842 3.52 2.24 -31.18
N SER A 843 4.77 1.78 -31.23
CA SER A 843 5.12 0.43 -31.72
C SER A 843 4.59 -0.73 -30.86
N GLY A 844 4.31 -0.45 -29.58
CA GLY A 844 3.96 -1.50 -28.64
C GLY A 844 5.12 -2.15 -27.92
N LYS A 845 6.36 -1.70 -28.22
CA LYS A 845 7.54 -2.45 -27.74
C LYS A 845 7.64 -2.43 -26.21
N GLY A 846 7.15 -1.35 -25.59
CA GLY A 846 7.02 -1.26 -24.11
C GLY A 846 6.09 -2.30 -23.55
N TYR A 847 4.96 -2.49 -24.24
CA TYR A 847 3.96 -3.42 -23.78
C TYR A 847 4.47 -4.84 -23.89
N LYS A 848 5.10 -5.12 -25.02
CA LYS A 848 5.72 -6.44 -25.28
C LYS A 848 6.82 -6.78 -24.27
N LEU A 849 7.66 -5.82 -23.92
CA LEU A 849 8.76 -6.04 -22.99
C LEU A 849 8.20 -6.41 -21.64
N ILE A 850 7.24 -5.61 -21.15
CA ILE A 850 6.69 -5.90 -19.84
C ILE A 850 5.90 -7.16 -19.83
N ALA A 851 5.13 -7.46 -20.90
CA ALA A 851 4.41 -8.74 -20.93
C ALA A 851 5.37 -9.97 -20.84
N GLU A 852 6.51 -9.90 -21.51
CA GLU A 852 7.51 -11.02 -21.48
C GLU A 852 8.02 -11.21 -20.05
N VAL A 853 8.29 -10.11 -19.37
CA VAL A 853 8.72 -10.14 -17.95
C VAL A 853 7.67 -10.75 -17.06
N ILE A 854 6.39 -10.41 -17.30
CA ILE A 854 5.27 -10.97 -16.54
C ILE A 854 5.18 -12.49 -16.70
N THR A 855 5.14 -12.91 -17.93
CA THR A 855 5.11 -14.32 -18.26
C THR A 855 6.32 -15.10 -17.75
N LYS A 856 7.53 -14.53 -17.93
CA LYS A 856 8.77 -15.10 -17.31
C LYS A 856 8.65 -15.26 -15.82
N THR A 857 8.26 -14.17 -15.16
CA THR A 857 8.10 -14.17 -13.73
C THR A 857 6.99 -15.12 -13.24
N ASP A 858 5.95 -15.32 -14.04
CA ASP A 858 4.77 -16.10 -13.59
C ASP A 858 5.14 -17.57 -13.41
N LYS A 859 6.23 -17.99 -14.03
CA LYS A 859 6.65 -19.37 -13.95
C LYS A 859 7.25 -19.72 -12.62
N PHE A 860 7.62 -18.73 -11.82
CA PHE A 860 8.12 -19.03 -10.45
C PHE A 860 7.46 -18.20 -9.30
N ASN A 861 6.87 -17.03 -9.62
CA ASN A 861 6.27 -16.18 -8.57
C ASN A 861 5.00 -15.48 -9.12
N PRO A 862 3.85 -16.22 -9.06
CA PRO A 862 2.59 -15.69 -9.57
C PRO A 862 2.16 -14.31 -8.98
N MET A 863 2.45 -14.07 -7.70
CA MET A 863 2.07 -12.84 -7.05
C MET A 863 2.81 -11.70 -7.70
N VAL A 864 4.13 -11.85 -7.82
CA VAL A 864 4.92 -10.80 -8.43
C VAL A 864 4.61 -10.51 -9.90
N ALA A 865 4.33 -11.59 -10.66
CA ALA A 865 3.87 -11.52 -12.05
C ALA A 865 2.60 -10.63 -12.11
N THR A 866 1.67 -10.76 -11.14
CA THR A 866 0.44 -9.95 -11.21
C THR A 866 0.73 -8.51 -10.86
N GLN A 867 1.70 -8.29 -9.98
CA GLN A 867 2.10 -6.94 -9.61
C GLN A 867 2.65 -6.20 -10.82
N LEU A 868 3.39 -6.94 -11.63
CA LEU A 868 3.97 -6.41 -12.86
C LEU A 868 2.95 -6.11 -13.97
N CYS A 869 1.73 -6.63 -13.86
CA CYS A 869 0.60 -6.26 -14.71
C CYS A 869 0.04 -4.88 -14.51
N GLU A 870 0.45 -4.21 -13.47
CA GLU A 870 -0.20 -2.95 -13.08
C GLU A 870 -0.34 -1.86 -14.21
N PRO A 871 0.67 -1.73 -15.11
CA PRO A 871 0.57 -0.74 -16.22
C PRO A 871 -0.57 -1.07 -17.18
N PHE A 872 -1.01 -2.33 -17.23
CA PHE A 872 -2.11 -2.69 -18.14
C PHE A 872 -3.49 -2.29 -17.59
N LYS A 873 -3.55 -1.81 -16.35
CA LYS A 873 -4.85 -1.61 -15.75
C LYS A 873 -5.63 -0.54 -16.47
N LEU A 874 -4.93 0.43 -17.05
CA LEU A 874 -5.58 1.52 -17.70
C LEU A 874 -5.83 1.28 -19.21
N TRP A 875 -5.74 0.02 -19.66
CA TRP A 875 -5.76 -0.25 -21.13
C TRP A 875 -6.96 0.31 -21.84
N ASN A 876 -8.13 0.19 -21.24
CA ASN A 876 -9.37 0.60 -21.87
C ASN A 876 -9.63 2.12 -21.83
N LYS A 877 -8.69 2.88 -21.26
CA LYS A 877 -8.72 4.34 -21.21
C LYS A 877 -7.93 4.93 -22.35
N LEU A 878 -7.13 4.11 -23.07
CA LEU A 878 -6.21 4.61 -24.05
C LEU A 878 -6.84 4.79 -25.43
N ASP A 879 -6.12 5.52 -26.30
CA ASP A 879 -6.49 5.61 -27.71
C ASP A 879 -6.62 4.21 -28.30
N THR A 880 -7.34 4.06 -29.41
CA THR A 880 -7.69 2.71 -29.86
C THR A 880 -6.53 1.84 -30.39
N LYS A 881 -5.49 2.43 -30.98
CA LYS A 881 -4.31 1.68 -31.34
C LYS A 881 -3.58 1.11 -30.08
N ARG A 882 -3.36 1.95 -29.08
CA ARG A 882 -2.73 1.49 -27.84
C ARG A 882 -3.58 0.45 -27.09
N GLN A 883 -4.92 0.61 -27.06
CA GLN A 883 -5.81 -0.45 -26.56
C GLN A 883 -5.59 -1.77 -27.26
N GLU A 884 -5.53 -1.72 -28.57
CA GLU A 884 -5.34 -2.94 -29.36
C GLU A 884 -4.00 -3.63 -29.02
N LEU A 885 -2.93 -2.88 -28.99
CA LEU A 885 -1.58 -3.44 -28.66
C LEU A 885 -1.56 -4.09 -27.24
N MET A 886 -2.12 -3.35 -26.26
CA MET A 886 -2.11 -3.86 -24.89
C MET A 886 -2.94 -5.11 -24.82
N LEU A 887 -4.07 -5.08 -25.52
CA LEU A 887 -5.02 -6.17 -25.50
C LEU A 887 -4.34 -7.39 -26.13
N ASN A 888 -3.62 -7.21 -27.22
CA ASN A 888 -2.95 -8.32 -27.87
CA ASN A 888 -2.98 -8.38 -27.83
C ASN A 888 -1.93 -8.99 -26.90
N GLU A 889 -1.17 -8.18 -26.17
CA GLU A 889 -0.25 -8.73 -25.16
C GLU A 889 -0.93 -9.43 -24.04
N MET A 890 -2.08 -8.92 -23.57
CA MET A 890 -2.86 -9.55 -22.52
C MET A 890 -3.41 -10.90 -22.93
N ASN A 891 -4.02 -10.95 -24.11
CA ASN A 891 -4.45 -12.23 -24.65
C ASN A 891 -3.27 -13.26 -24.89
N THR A 892 -2.09 -12.78 -25.35
CA THR A 892 -0.86 -13.57 -25.49
C THR A 892 -0.48 -14.10 -24.12
N MET A 893 -0.55 -13.29 -23.06
CA MET A 893 -0.19 -13.81 -21.73
C MET A 893 -1.18 -14.86 -21.28
N LEU A 894 -2.49 -14.66 -21.55
CA LEU A 894 -3.54 -15.57 -21.18
C LEU A 894 -3.39 -16.92 -21.90
N GLN A 895 -2.74 -16.93 -23.05
CA GLN A 895 -2.54 -18.20 -23.83
C GLN A 895 -1.30 -18.97 -23.36
N GLU A 896 -0.58 -18.47 -22.36
CA GLU A 896 0.64 -19.12 -21.92
C GLU A 896 0.30 -20.45 -21.23
N PRO A 897 0.92 -21.57 -21.65
CA PRO A 897 0.49 -22.79 -20.96
C PRO A 897 1.01 -22.78 -19.50
N ASN A 898 0.23 -23.40 -18.62
CA ASN A 898 0.45 -23.42 -17.18
C ASN A 898 0.47 -22.04 -16.52
N ILE A 899 -0.24 -21.06 -17.08
CA ILE A 899 -0.42 -19.73 -16.43
C ILE A 899 -0.97 -19.96 -15.05
N SER A 900 -0.49 -19.18 -14.06
CA SER A 900 -0.98 -19.38 -12.70
C SER A 900 -2.45 -19.04 -12.64
N ASN A 901 -3.13 -19.56 -11.63
CA ASN A 901 -4.45 -19.06 -11.38
C ASN A 901 -4.53 -17.60 -11.03
N ASN A 902 -3.51 -17.09 -10.32
CA ASN A 902 -3.47 -15.64 -9.97
C ASN A 902 -3.52 -14.77 -11.20
N LEU A 903 -2.61 -15.06 -12.11
CA LEU A 903 -2.40 -14.25 -13.29
C LEU A 903 -3.60 -14.39 -14.24
N LYS A 904 -4.05 -15.63 -14.44
CA LYS A 904 -5.26 -15.89 -15.23
C LYS A 904 -6.48 -15.17 -14.71
N GLU A 905 -6.80 -15.29 -13.42
CA GLU A 905 -7.95 -14.55 -12.92
C GLU A 905 -7.81 -13.04 -13.20
N TYR A 906 -6.61 -12.49 -12.95
CA TYR A 906 -6.36 -11.05 -13.01
C TYR A 906 -6.61 -10.57 -14.45
N LEU A 907 -5.98 -11.27 -15.38
CA LEU A 907 -6.13 -10.93 -16.80
C LEU A 907 -7.52 -11.15 -17.41
N LEU A 908 -8.22 -12.21 -16.99
CA LEU A 908 -9.59 -12.42 -17.40
C LEU A 908 -10.53 -11.30 -16.92
N ARG A 909 -10.35 -10.89 -15.67
CA ARG A 909 -11.17 -9.79 -15.12
C ARG A 909 -10.86 -8.48 -15.83
N LEU A 910 -9.59 -8.25 -16.04
CA LEU A 910 -9.13 -7.00 -16.58
C LEU A 910 -9.60 -6.84 -18.02
N THR A 911 -9.71 -7.97 -18.76
CA THR A 911 -10.12 -7.97 -20.20
C THR A 911 -11.60 -8.23 -20.44
N ASN A 912 -12.39 -8.11 -19.37
CA ASN A 912 -13.85 -8.26 -19.38
C ASN A 912 -14.32 -9.64 -19.76
N LYS A 913 -13.52 -10.67 -19.43
CA LYS A 913 -13.96 -12.04 -19.65
C LYS A 913 -14.45 -12.72 -18.37
N LEU A 914 -14.33 -12.06 -17.20
CA LEU A 914 -14.70 -12.70 -15.91
C LEU A 914 -15.15 -11.62 -14.96
ZN ZN B . -1.71 -5.19 6.80
MG MG C . 6.38 -29.98 -2.72
MG MG D . 20.51 -10.27 -4.08
MG MG E . 4.88 6.49 26.60
C1 GOL F . 10.37 18.93 -16.12
O1 GOL F . 9.31 19.85 -16.32
C2 GOL F . 10.29 18.16 -14.84
O2 GOL F . 11.33 17.20 -14.91
C3 GOL F . 8.93 17.50 -14.74
O3 GOL F . 8.61 16.87 -16.01
C1 GOL G . -29.96 30.42 -2.01
O1 GOL G . -30.83 30.63 -3.19
C2 GOL G . -30.06 31.40 -0.85
O2 GOL G . -28.90 31.58 -0.15
C3 GOL G . -30.68 30.89 0.41
O3 GOL G . -31.86 30.16 0.16
C1 GOL H . -28.06 26.92 -3.65
O1 GOL H . -26.72 27.23 -3.98
C2 GOL H . -28.82 27.22 -4.85
O2 GOL H . -29.33 26.02 -5.04
C3 GOL H . -29.81 28.34 -4.57
O3 GOL H . -30.90 28.34 -5.50
C1 GOL I . 29.39 11.27 -2.69
O1 GOL I . 28.03 11.54 -3.01
C2 GOL I . 29.62 10.43 -1.42
O2 GOL I . 29.25 9.11 -1.59
C3 GOL I . 28.78 10.82 -0.25
O3 GOL I . 29.24 12.13 0.12
C1 GOL J . 22.82 -8.22 -7.76
O1 GOL J . 22.16 -7.23 -8.51
C2 GOL J . 22.07 -9.52 -8.05
O2 GOL J . 20.73 -9.44 -7.53
C3 GOL J . 22.03 -9.81 -9.54
O3 GOL J . 22.06 -11.21 -9.83
C1 GOL K . 7.47 -2.97 -2.52
O1 GOL K . 8.78 -3.48 -2.27
C2 GOL K . 6.65 -4.18 -2.91
O2 GOL K . 6.01 -4.66 -1.72
C3 GOL K . 5.65 -3.83 -4.02
O3 GOL K . 4.45 -4.62 -4.02
C1 GOL L . -10.81 -27.32 2.69
O1 GOL L . -10.65 -27.12 4.11
C2 GOL L . -12.27 -27.18 2.36
O2 GOL L . -12.82 -26.16 3.21
C3 GOL L . -12.47 -26.82 0.89
O3 GOL L . -12.40 -28.00 0.07
C1 GOL M . -25.75 7.14 -7.94
O1 GOL M . -25.83 8.15 -8.91
C2 GOL M . -26.18 7.67 -6.61
O2 GOL M . -27.51 7.22 -6.45
C3 GOL M . -26.19 9.15 -6.60
O3 GOL M . -26.86 9.50 -5.42
C1 GOL N . -14.85 13.39 -14.01
O1 GOL N . -15.62 13.77 -15.15
C2 GOL N . -14.07 12.15 -14.44
O2 GOL N . -13.42 11.54 -13.33
C3 GOL N . -15.04 11.21 -15.14
O3 GOL N . -14.54 9.88 -15.13
C1 GOL O . -12.08 15.07 -21.12
O1 GOL O . -11.09 15.99 -20.66
C2 GOL O . -11.55 14.45 -22.38
O2 GOL O . -11.35 15.39 -23.41
C3 GOL O . -12.62 13.55 -22.85
O3 GOL O . -11.99 12.31 -22.78
C1 GOL P . 2.32 -33.96 20.16
O1 GOL P . 3.00 -33.31 21.22
C2 GOL P . 0.86 -34.19 20.47
O2 GOL P . 0.74 -35.06 21.59
C3 GOL P . 0.04 -32.98 20.80
O3 GOL P . 0.52 -32.29 21.96
O1 89X Q . 0.19 -6.26 7.22
N 89X Q . 0.87 -6.47 6.01
CA 89X Q . 0.03 -6.27 4.86
O2 89X Q . -1.12 -5.83 4.91
CB 89X Q . 0.78 -6.60 3.60
N2 89X Q . 0.74 -5.40 2.78
C3 89X Q . 1.91 -4.76 2.42
O 89X Q . 3.04 -5.14 2.72
C4 89X Q . 1.76 -3.45 1.69
C5 89X Q . 2.39 -2.30 2.52
C6 89X Q . 1.72 -1.98 3.87
C7 89X Q . 2.25 -2.86 5.00
C8 89X Q . 2.04 -0.52 4.18
N3 89X Q . 0.48 -2.99 1.25
C9 89X Q . -0.17 -3.49 0.15
O4 89X Q . 0.22 -4.52 -0.38
N4 89X Q . -1.31 -2.75 -0.18
C10 89X Q . -2.21 -3.08 -1.28
C11 89X Q . -1.78 -2.35 -2.50
C12 89X Q . -1.72 -3.01 -3.73
C13 89X Q . -1.31 -2.35 -4.89
C14 89X Q . -0.96 -1.00 -4.85
C15 89X Q . -1.00 -0.34 -3.62
C16 89X Q . -1.40 -1.00 -2.44
CG 89X Q . 0.27 -7.82 2.96
CD1 89X Q . -0.08 -7.85 1.61
CE1 89X Q . -0.49 -8.99 0.99
CZ 89X Q . -0.54 -10.21 1.68
CE2 89X Q . -0.17 -10.17 3.01
CD2 89X Q . 0.27 -9.01 3.65
#